data_7LIR
#
_entry.id   7LIR
#
_cell.length_a   224.339
_cell.length_b   224.339
_cell.length_c   114.525
_cell.angle_alpha   90.000
_cell.angle_beta   90.000
_cell.angle_gamma   90.000
#
_symmetry.space_group_name_H-M   'I 41 2 2'
#
loop_
_entity.id
_entity.type
_entity.pdbx_description
1 polymer 'ALK tyrosine kinase receptor homolog scd-2'
2 branched alpha-D-mannopyranose-(1-3)-alpha-D-mannopyranose-(1-4)-2-acetamido-2-deoxy-beta-D-glucopyranose-(1-4)-[alpha-L-fucopyranose-(1-3)][alpha-L-fucopyranose-(1-6)]2-acetamido-2-deoxy-beta-D-glucopyranose
3 branched 2-acetamido-2-deoxy-beta-D-glucopyranose-(1-4)-2-acetamido-2-deoxy-beta-D-glucopyranose
4 branched alpha-L-fucopyranose-(1-4)-2-acetamido-2-deoxy-beta-D-glucopyranose
5 branched alpha-D-mannopyranose-(1-4)-2-acetamido-2-deoxy-beta-D-glucopyranose-(1-4)-[alpha-L-fucopyranose-(1-3)][alpha-L-fucopyranose-(1-6)]2-acetamido-2-deoxy-beta-D-glucopyranose
6 branched alpha-D-mannopyranose-(1-4)-2-acetamido-2-deoxy-beta-D-glucopyranose-(1-4)-2-acetamido-2-deoxy-beta-D-glucopyranose
7 non-polymer 'SULFATE ION'
8 non-polymer 2-acetamido-2-deoxy-beta-D-glucopyranose
9 water water
#
_entity_poly.entity_id   1
_entity_poly.type   'polypeptide(L)'
_entity_poly.pdbx_seq_one_letter_code
;TWDIPDLFINTCGASGFEQPQNCDHNRELDGQTGHFLKEDGTQQWTVPVTGFYR(MSE)EICGAGGGSNSKASGDTGDCV
TLQVHLIENLSLR(MSE)LIGQ(MSE)GESPCFTEHDDELRPSSCSKISHNYVYDGKRGAAGGGATLLTVEKDLWNVVAG
GGAGASWDGFD(MSE)EVGYGASAIHVKPDQRCNETCKAVSHTDFIVERRDNRCPGEKGESTVFGGFGGGGNSCG(MSE)
LGGSGAGYQAGNPFGKSRARSGSSNVSIDFSKSPIYYQSERLDEGYIKIAFCRKRCEPPTVCRFRKDYFEEEYCGCPDGS
NVTDTEEACAFPLVCPSSSTNQYRNFTYEPFCLCNNGKEIYDVYNDTCEE
;
_entity_poly.pdbx_strand_id   A,B
#
loop_
_chem_comp.id
_chem_comp.type
_chem_comp.name
_chem_comp.formula
FUC L-saccharide, alpha linking alpha-L-fucopyranose 'C6 H12 O5'
MAN D-saccharide, alpha linking alpha-D-mannopyranose 'C6 H12 O6'
NAG D-saccharide, beta linking 2-acetamido-2-deoxy-beta-D-glucopyranose 'C8 H15 N O6'
SO4 non-polymer 'SULFATE ION' 'O4 S -2'
#
# COMPACT_ATOMS: atom_id res chain seq x y z
N ASP A 3 13.87 1.57 38.11
CA ASP A 3 14.13 0.10 38.20
C ASP A 3 12.82 -0.71 38.04
N ILE A 4 12.53 -1.15 36.81
CA ILE A 4 11.23 -1.75 36.43
C ILE A 4 11.45 -3.21 36.11
N PRO A 5 10.53 -4.11 36.52
CA PRO A 5 10.65 -5.52 36.15
C PRO A 5 10.15 -5.75 34.72
N ASP A 6 10.56 -6.89 34.16
CA ASP A 6 10.07 -7.35 32.83
C ASP A 6 8.54 -7.34 32.82
N LEU A 7 7.96 -6.90 31.71
CA LEU A 7 6.49 -6.92 31.57
C LEU A 7 6.03 -8.25 31.00
N PHE A 8 4.79 -8.59 31.31
CA PHE A 8 4.09 -9.79 30.81
C PHE A 8 2.70 -9.33 30.44
N ILE A 9 2.54 -8.88 29.19
CA ILE A 9 1.22 -8.47 28.65
C ILE A 9 0.43 -9.74 28.31
N ASN A 10 -0.66 -9.92 29.03
CA ASN A 10 -1.42 -11.19 29.07
C ASN A 10 -2.86 -10.88 28.68
N THR A 11 -3.71 -11.87 28.86
CA THR A 11 -5.11 -11.86 28.42
C THR A 11 -6.01 -11.30 29.54
N CYS A 12 -5.45 -10.96 30.71
CA CYS A 12 -6.21 -10.46 31.88
C CYS A 12 -7.36 -11.40 32.25
N GLY A 13 -7.09 -12.70 32.33
CA GLY A 13 -8.07 -13.68 32.78
C GLY A 13 -9.13 -14.03 31.75
N ALA A 14 -9.09 -13.42 30.57
CA ALA A 14 -10.04 -13.68 29.47
C ALA A 14 -9.56 -14.84 28.62
N SER A 15 -10.50 -15.64 28.11
CA SER A 15 -10.20 -16.64 27.07
C SER A 15 -11.34 -16.70 26.05
N GLY A 16 -11.12 -17.45 24.97
CA GLY A 16 -12.15 -17.73 23.97
C GLY A 16 -12.48 -16.48 23.19
N PHE A 17 -13.71 -16.40 22.70
CA PHE A 17 -14.11 -15.32 21.77
C PHE A 17 -14.13 -13.95 22.46
N GLU A 18 -14.71 -13.86 23.66
CA GLU A 18 -14.92 -12.58 24.36
C GLU A 18 -13.57 -11.98 24.72
N GLN A 19 -13.38 -10.71 24.40
CA GLN A 19 -12.13 -9.92 24.60
C GLN A 19 -11.94 -9.62 26.08
N PRO A 20 -10.75 -9.17 26.52
CA PRO A 20 -10.53 -8.80 27.90
C PRO A 20 -11.47 -7.65 28.29
N GLN A 21 -11.91 -7.66 29.55
CA GLN A 21 -12.82 -6.65 30.13
C GLN A 21 -12.17 -5.87 31.29
N ASN A 22 -11.36 -6.51 32.12
CA ASN A 22 -10.77 -5.87 33.32
C ASN A 22 -9.29 -6.23 33.43
N CYS A 23 -8.40 -5.29 33.12
CA CYS A 23 -6.96 -5.42 33.41
C CYS A 23 -6.61 -4.50 34.59
N ASP A 24 -5.33 -4.49 34.96
CA ASP A 24 -4.77 -3.69 36.09
C ASP A 24 -5.25 -2.26 35.94
N HIS A 25 -4.74 -1.57 34.91
CA HIS A 25 -5.20 -0.23 34.48
C HIS A 25 -6.13 -0.43 33.27
N ASN A 26 -7.25 0.29 33.27
CA ASN A 26 -8.20 0.39 32.13
C ASN A 26 -8.18 1.82 31.57
N ARG A 27 -7.67 2.78 32.35
CA ARG A 27 -7.41 4.16 31.87
C ARG A 27 -5.93 4.49 32.09
N GLU A 28 -5.41 5.38 31.26
CA GLU A 28 -3.99 5.81 31.30
C GLU A 28 -3.78 6.63 32.57
N LEU A 29 -2.63 6.44 33.21
CA LEU A 29 -2.10 7.33 34.27
C LEU A 29 -0.92 8.11 33.69
N ASP A 30 -0.37 9.03 34.47
CA ASP A 30 0.78 9.89 34.06
C ASP A 30 2.04 9.46 34.81
N GLY A 31 1.93 9.14 36.11
CA GLY A 31 3.01 8.51 36.89
C GLY A 31 3.16 7.04 36.53
N GLN A 32 4.27 6.67 35.88
CA GLN A 32 4.48 5.32 35.29
C GLN A 32 3.28 5.02 34.37
N THR A 33 3.08 5.86 33.35
CA THR A 33 1.97 5.80 32.36
C THR A 33 1.73 4.33 31.95
N GLY A 34 2.80 3.61 31.62
CA GLY A 34 2.85 2.13 31.55
C GLY A 34 1.79 1.54 30.65
N HIS A 35 1.30 0.35 31.05
CA HIS A 35 0.36 -0.51 30.28
C HIS A 35 -1.08 -0.29 30.72
N PHE A 36 -2.02 -0.44 29.80
CA PHE A 36 -3.47 -0.41 30.10
C PHE A 36 -4.30 -0.96 28.94
N LEU A 37 -5.56 -1.28 29.26
CA LEU A 37 -6.49 -1.98 28.36
C LEU A 37 -7.43 -0.98 27.70
N LYS A 38 -7.45 -0.97 26.37
CA LYS A 38 -8.37 -0.18 25.53
C LYS A 38 -9.73 -0.88 25.51
N GLU A 39 -10.75 -0.16 25.03
CA GLU A 39 -12.16 -0.65 25.05
C GLU A 39 -12.40 -1.63 23.92
N ASP A 40 -11.59 -1.62 22.87
CA ASP A 40 -11.76 -2.57 21.73
C ASP A 40 -11.08 -3.92 22.03
N GLY A 41 -10.39 -4.07 23.16
CA GLY A 41 -9.76 -5.35 23.53
C GLY A 41 -8.27 -5.33 23.36
N THR A 42 -7.73 -4.30 22.70
CA THR A 42 -6.27 -4.13 22.53
C THR A 42 -5.69 -3.51 23.80
N GLN A 43 -4.36 -3.44 23.87
CA GLN A 43 -3.62 -3.03 25.09
C GLN A 43 -2.47 -2.11 24.69
N GLN A 44 -2.45 -0.91 25.24
CA GLN A 44 -1.42 0.12 24.97
C GLN A 44 -0.28 0.00 25.99
N TRP A 45 0.93 0.34 25.58
CA TRP A 45 2.09 0.40 26.49
C TRP A 45 3.02 1.50 26.02
N THR A 46 3.44 2.35 26.95
CA THR A 46 4.34 3.49 26.65
C THR A 46 5.73 3.14 27.13
N VAL A 47 6.67 3.08 26.21
CA VAL A 47 8.08 2.70 26.50
C VAL A 47 8.59 3.71 27.52
N PRO A 48 9.13 3.25 28.67
CA PRO A 48 9.57 4.18 29.70
C PRO A 48 11.03 4.64 29.55
N VAL A 49 11.91 3.80 29.05
CA VAL A 49 13.35 4.19 28.92
C VAL A 49 13.83 3.80 27.52
N THR A 50 14.53 4.71 26.87
CA THR A 50 15.19 4.44 25.59
C THR A 50 16.25 3.36 25.78
N GLY A 51 16.19 2.31 24.99
CA GLY A 51 17.18 1.22 25.06
C GLY A 51 16.69 0.02 24.29
N PHE A 52 17.49 -1.05 24.36
CA PHE A 52 17.17 -2.32 23.70
C PHE A 52 16.30 -3.15 24.61
N TYR A 53 15.29 -3.76 24.01
CA TYR A 53 14.29 -4.61 24.67
C TYR A 53 14.28 -5.94 23.94
N ARG A 54 14.15 -7.02 24.67
CA ARG A 54 13.92 -8.37 24.12
C ARG A 54 12.45 -8.73 24.30
N MSE A 55 11.76 -9.07 23.22
CA MSE A 55 10.34 -9.44 23.27
C MSE A 55 10.21 -10.91 22.93
O MSE A 55 11.00 -11.40 22.13
CB MSE A 55 9.53 -8.60 22.28
CG MSE A 55 9.68 -7.12 22.46
SE MSE A 55 8.28 -6.21 21.55
CE MSE A 55 8.28 -4.49 22.33
N GLU A 56 9.26 -11.59 23.59
CA GLU A 56 8.73 -12.89 23.14
C GLU A 56 7.25 -12.64 22.86
N ILE A 57 6.81 -12.91 21.64
CA ILE A 57 5.40 -12.71 21.24
C ILE A 57 4.85 -14.05 20.78
N CYS A 58 3.84 -14.55 21.51
CA CYS A 58 3.25 -15.89 21.31
C CYS A 58 1.77 -15.75 20.99
N GLY A 59 1.35 -16.44 19.95
CA GLY A 59 -0.07 -16.58 19.64
C GLY A 59 -0.70 -17.58 20.60
N ALA A 60 -2.02 -17.64 20.60
CA ALA A 60 -2.80 -18.48 21.52
C ALA A 60 -2.91 -19.87 20.91
N GLY A 61 -3.07 -20.86 21.77
CA GLY A 61 -3.22 -22.25 21.35
C GLY A 61 -4.65 -22.55 20.99
N GLY A 62 -4.83 -23.68 20.33
CA GLY A 62 -6.17 -24.13 19.91
C GLY A 62 -6.95 -24.65 21.09
N GLY A 63 -8.27 -24.60 20.99
CA GLY A 63 -9.14 -25.29 21.97
C GLY A 63 -8.99 -26.79 21.88
N SER A 64 -9.56 -27.47 22.86
CA SER A 64 -9.43 -28.95 22.99
C SER A 64 -10.81 -29.58 23.16
N ASN A 65 -10.91 -30.82 22.72
CA ASN A 65 -12.13 -31.64 22.91
C ASN A 65 -11.76 -32.83 23.78
N SER A 66 -12.76 -33.62 24.16
CA SER A 66 -12.63 -34.74 25.11
C SER A 66 -11.66 -35.78 24.55
N LYS A 67 -11.35 -35.73 23.26
CA LYS A 67 -10.50 -36.77 22.63
C LYS A 67 -9.05 -36.32 22.50
N ALA A 68 -8.80 -35.03 22.41
CA ALA A 68 -7.49 -34.51 21.95
C ALA A 68 -7.26 -33.08 22.47
N SER A 69 -5.99 -32.70 22.59
CA SER A 69 -5.55 -31.35 23.02
C SER A 69 -5.35 -30.54 21.76
N GLY A 70 -5.55 -29.24 21.90
CA GLY A 70 -5.31 -28.30 20.80
C GLY A 70 -3.84 -28.17 20.49
N ASP A 71 -3.53 -27.55 19.37
CA ASP A 71 -2.15 -27.25 18.94
C ASP A 71 -1.70 -25.98 19.66
N THR A 72 -0.39 -25.90 19.98
CA THR A 72 0.20 -24.74 20.67
C THR A 72 0.33 -23.57 19.69
N GLY A 73 0.22 -22.37 20.22
CA GLY A 73 0.46 -21.16 19.41
C GLY A 73 1.90 -21.15 18.92
N ASP A 74 2.18 -20.18 18.05
CA ASP A 74 3.53 -19.94 17.49
C ASP A 74 4.15 -18.78 18.27
N CYS A 75 5.45 -18.81 18.46
CA CYS A 75 6.17 -17.71 19.15
C CYS A 75 7.24 -17.13 18.24
N VAL A 76 7.52 -15.86 18.45
CA VAL A 76 8.72 -15.17 17.89
C VAL A 76 9.41 -14.43 19.03
N THR A 77 10.72 -14.64 19.18
CA THR A 77 11.60 -13.87 20.08
C THR A 77 12.42 -12.90 19.23
N LEU A 78 12.41 -11.62 19.59
CA LEU A 78 13.18 -10.58 18.85
C LEU A 78 13.80 -9.57 19.81
N GLN A 79 14.75 -8.81 19.30
CA GLN A 79 15.42 -7.68 19.99
C GLN A 79 15.12 -6.42 19.19
N VAL A 80 14.79 -5.36 19.86
CA VAL A 80 14.38 -4.12 19.15
C VAL A 80 14.79 -2.94 20.04
N HIS A 81 15.29 -1.89 19.42
CA HIS A 81 15.63 -0.64 20.13
C HIS A 81 14.37 0.20 20.16
N LEU A 82 13.96 0.59 21.37
CA LEU A 82 12.77 1.45 21.56
C LEU A 82 13.16 2.77 22.22
N ILE A 83 12.51 3.84 21.77
CA ILE A 83 12.70 5.23 22.26
C ILE A 83 11.67 5.46 23.35
N GLU A 84 12.08 6.15 24.42
CA GLU A 84 11.17 6.50 25.53
C GLU A 84 9.94 7.22 24.94
N ASN A 85 8.78 6.96 25.53
CA ASN A 85 7.50 7.65 25.29
C ASN A 85 6.85 7.20 23.97
N LEU A 86 7.48 6.30 23.23
CA LEU A 86 6.84 5.63 22.07
C LEU A 86 5.70 4.77 22.59
N SER A 87 4.55 4.81 21.93
CA SER A 87 3.35 4.01 22.31
C SER A 87 3.22 2.77 21.41
N LEU A 88 3.11 1.60 22.02
CA LEU A 88 2.88 0.30 21.34
C LEU A 88 1.44 -0.13 21.64
N ARG A 89 0.71 -0.53 20.60
CA ARG A 89 -0.65 -1.10 20.73
C ARG A 89 -0.57 -2.58 20.37
N MSE A 90 -1.24 -3.42 21.15
CA MSE A 90 -1.08 -4.88 21.02
C MSE A 90 -2.41 -5.58 21.20
O MSE A 90 -3.29 -5.00 21.88
CB MSE A 90 -0.11 -5.40 22.08
CG MSE A 90 1.19 -4.65 22.09
SE MSE A 90 1.70 -4.47 23.92
CE MSE A 90 2.88 -5.98 23.89
N LEU A 91 -2.54 -6.71 20.50
CA LEU A 91 -3.65 -7.68 20.68
C LEU A 91 -3.04 -8.97 21.18
N ILE A 92 -3.51 -9.42 22.32
CA ILE A 92 -3.06 -10.74 22.88
C ILE A 92 -4.11 -11.75 22.46
N GLY A 93 -3.71 -12.69 21.61
CA GLY A 93 -4.60 -13.74 21.12
C GLY A 93 -5.04 -14.60 22.27
N GLN A 94 -6.23 -15.18 22.14
CA GLN A 94 -6.84 -15.98 23.20
C GLN A 94 -7.14 -17.36 22.62
N MSE A 95 -7.17 -18.35 23.48
CA MSE A 95 -7.36 -19.75 23.08
C MSE A 95 -8.75 -19.90 22.48
O MSE A 95 -9.64 -19.13 22.86
CB MSE A 95 -7.22 -20.67 24.29
CG MSE A 95 -5.83 -20.65 24.91
SE MSE A 95 -5.51 -22.30 25.87
CE MSE A 95 -6.48 -23.66 24.89
N GLY A 96 -8.89 -20.88 21.60
CA GLY A 96 -10.18 -21.23 20.98
C GLY A 96 -11.08 -21.92 21.98
N GLU A 97 -12.37 -21.84 21.73
CA GLU A 97 -13.38 -22.44 22.64
C GLU A 97 -13.53 -23.89 22.21
N SER A 98 -14.41 -24.57 22.91
CA SER A 98 -14.59 -26.03 22.81
C SER A 98 -16.07 -26.36 22.63
N PRO A 99 -16.39 -27.47 21.94
CA PRO A 99 -17.76 -27.90 21.78
C PRO A 99 -18.33 -28.41 23.09
N CYS A 100 -19.50 -27.89 23.48
CA CYS A 100 -20.19 -28.24 24.72
C CYS A 100 -21.71 -28.28 24.48
N PHE A 101 -22.47 -28.52 25.55
CA PHE A 101 -23.92 -28.35 25.62
C PHE A 101 -24.24 -27.47 26.83
N THR A 102 -25.29 -26.67 26.72
CA THR A 102 -25.79 -25.83 27.84
C THR A 102 -27.28 -26.08 28.05
N GLU A 103 -27.68 -25.98 29.31
CA GLU A 103 -29.07 -26.19 29.79
C GLU A 103 -29.83 -24.89 29.53
N HIS A 104 -30.12 -24.59 28.25
CA HIS A 104 -30.99 -23.47 27.83
C HIS A 104 -32.44 -23.88 28.07
N ASP A 105 -33.18 -23.11 28.88
CA ASP A 105 -34.57 -23.50 29.23
C ASP A 105 -34.55 -24.82 30.00
N ASP A 106 -35.32 -25.81 29.57
CA ASP A 106 -35.40 -27.12 30.27
C ASP A 106 -34.75 -28.23 29.43
N GLU A 107 -33.91 -27.87 28.45
CA GLU A 107 -33.29 -28.85 27.53
C GLU A 107 -31.83 -28.46 27.24
N LEU A 108 -31.14 -29.27 26.45
CA LEU A 108 -29.67 -29.16 26.22
C LEU A 108 -29.45 -28.82 24.76
N ARG A 109 -28.95 -27.61 24.49
CA ARG A 109 -28.58 -27.19 23.12
C ARG A 109 -27.06 -27.27 23.01
N PRO A 110 -26.55 -27.60 21.81
CA PRO A 110 -25.13 -27.43 21.52
C PRO A 110 -24.70 -25.98 21.76
N SER A 111 -23.43 -25.78 22.10
CA SER A 111 -22.92 -24.45 22.45
C SER A 111 -21.40 -24.44 22.29
N SER A 112 -20.82 -23.28 22.53
CA SER A 112 -19.36 -23.05 22.53
C SER A 112 -18.98 -22.66 23.94
N CYS A 113 -17.91 -23.23 24.47
CA CYS A 113 -17.46 -23.00 25.86
C CYS A 113 -15.96 -22.65 25.88
N SER A 114 -15.62 -21.51 26.49
CA SER A 114 -14.24 -21.03 26.70
C SER A 114 -13.67 -21.70 27.96
N LYS A 115 -12.36 -21.61 28.12
CA LYS A 115 -11.69 -22.21 29.31
C LYS A 115 -12.13 -21.51 30.60
N ILE A 116 -12.69 -20.31 30.52
CA ILE A 116 -13.16 -19.57 31.74
C ILE A 116 -14.68 -19.62 31.82
N SER A 117 -15.34 -20.54 31.10
CA SER A 117 -16.81 -20.68 31.18
C SER A 117 -17.23 -21.14 32.57
N HIS A 118 -18.24 -20.49 33.12
CA HIS A 118 -18.88 -20.87 34.40
C HIS A 118 -19.94 -21.95 34.15
N ASN A 119 -20.43 -22.13 32.91
CA ASN A 119 -21.61 -22.99 32.59
C ASN A 119 -21.21 -24.18 31.71
N TYR A 120 -20.01 -24.73 31.88
CA TYR A 120 -19.52 -25.88 31.08
C TYR A 120 -19.64 -27.13 31.94
N VAL A 121 -20.52 -28.06 31.60
CA VAL A 121 -20.60 -29.36 32.31
C VAL A 121 -20.67 -30.50 31.29
N TYR A 122 -21.15 -30.27 30.07
CA TYR A 122 -21.43 -31.36 29.09
C TYR A 122 -20.51 -31.19 27.88
N ASP A 123 -19.86 -32.26 27.48
CA ASP A 123 -18.91 -32.24 26.34
C ASP A 123 -19.60 -32.60 25.05
N GLY A 124 -19.08 -32.06 23.94
CA GLY A 124 -19.55 -32.30 22.57
C GLY A 124 -18.55 -33.12 21.80
N LYS A 125 -18.98 -33.70 20.70
CA LYS A 125 -18.14 -34.65 19.94
C LYS A 125 -17.88 -34.06 18.55
N ARG A 126 -17.12 -32.97 18.55
CA ARG A 126 -16.74 -32.28 17.32
C ARG A 126 -15.43 -31.53 17.52
N GLY A 127 -14.87 -31.01 16.44
CA GLY A 127 -13.69 -30.15 16.46
C GLY A 127 -13.85 -29.01 17.46
N ALA A 128 -12.72 -28.48 17.90
CA ALA A 128 -12.66 -27.26 18.73
C ALA A 128 -12.08 -26.16 17.84
N ALA A 129 -12.06 -24.93 18.35
CA ALA A 129 -11.73 -23.75 17.54
C ALA A 129 -10.24 -23.41 17.62
N GLY A 130 -9.82 -22.58 16.70
CA GLY A 130 -8.42 -22.14 16.62
C GLY A 130 -8.11 -21.03 17.60
N GLY A 131 -6.84 -20.91 17.93
CA GLY A 131 -6.36 -19.79 18.75
C GLY A 131 -6.26 -18.53 17.91
N GLY A 132 -6.41 -17.41 18.58
CA GLY A 132 -6.17 -16.08 17.97
C GLY A 132 -4.68 -15.82 17.85
N ALA A 133 -4.31 -15.05 16.83
CA ALA A 133 -2.93 -14.55 16.68
C ALA A 133 -2.69 -13.46 17.73
N THR A 134 -1.42 -13.14 17.97
CA THR A 134 -0.98 -12.04 18.85
C THR A 134 -0.27 -11.01 17.99
N LEU A 135 -0.71 -9.76 18.11
CA LEU A 135 -0.32 -8.67 17.18
C LEU A 135 0.37 -7.55 17.93
N LEU A 136 1.29 -6.87 17.25
CA LEU A 136 1.91 -5.62 17.73
C LEU A 136 2.01 -4.64 16.58
N THR A 137 1.47 -3.45 16.77
CA THR A 137 1.59 -2.31 15.85
C THR A 137 2.34 -1.20 16.57
N VAL A 138 3.36 -0.64 15.91
CA VAL A 138 4.09 0.57 16.37
C VAL A 138 3.31 1.82 15.95
N GLU A 139 3.12 2.06 14.64
CA GLU A 139 2.54 3.32 14.11
C GLU A 139 1.02 3.23 13.95
N LYS A 140 0.39 2.14 14.35
CA LYS A 140 -1.09 1.97 14.34
C LYS A 140 -1.64 2.09 12.91
N ASP A 141 -0.89 1.62 11.91
CA ASP A 141 -1.37 1.55 10.50
C ASP A 141 -1.26 0.11 9.96
N LEU A 142 -0.41 -0.72 10.54
CA LEU A 142 -0.39 -2.16 10.23
C LEU A 142 0.31 -2.92 11.36
N TRP A 143 0.10 -4.20 11.41
CA TRP A 143 0.64 -5.05 12.50
C TRP A 143 2.09 -5.38 12.15
N ASN A 144 3.02 -4.73 12.82
CA ASN A 144 4.47 -4.96 12.57
C ASN A 144 4.87 -6.36 13.04
N VAL A 145 4.12 -6.94 13.97
CA VAL A 145 4.40 -8.34 14.39
C VAL A 145 3.08 -9.08 14.41
N VAL A 146 3.09 -10.28 13.86
CA VAL A 146 1.97 -11.25 13.95
C VAL A 146 2.56 -12.58 14.38
N ALA A 147 2.07 -13.11 15.50
CA ALA A 147 2.48 -14.43 15.99
C ALA A 147 1.27 -15.34 15.83
N GLY A 148 1.47 -16.47 15.15
CA GLY A 148 0.36 -17.35 14.76
C GLY A 148 -0.18 -18.10 15.95
N GLY A 149 -1.48 -18.34 15.94
CA GLY A 149 -2.15 -19.24 16.90
C GLY A 149 -2.23 -20.68 16.39
N GLY A 150 -2.60 -21.59 17.28
CA GLY A 150 -2.65 -23.03 16.99
C GLY A 150 -4.03 -23.43 16.55
N ALA A 151 -4.10 -24.48 15.72
CA ALA A 151 -5.39 -25.07 15.30
C ALA A 151 -6.05 -25.74 16.50
N GLY A 152 -7.37 -25.83 16.50
CA GLY A 152 -8.14 -26.54 17.54
C GLY A 152 -8.03 -28.04 17.37
N ALA A 153 -8.43 -28.78 18.37
CA ALA A 153 -8.40 -30.26 18.33
C ALA A 153 -9.48 -30.70 17.34
N SER A 154 -9.10 -31.55 16.38
CA SER A 154 -10.07 -32.29 15.53
C SER A 154 -10.67 -33.47 16.30
N TRP A 155 -11.86 -33.89 15.90
CA TRP A 155 -12.50 -35.13 16.38
C TRP A 155 -12.24 -36.18 15.30
N ASP A 156 -13.02 -37.24 15.24
CA ASP A 156 -12.61 -38.49 14.57
C ASP A 156 -12.77 -38.36 13.06
N GLY A 157 -13.80 -37.68 12.60
CA GLY A 157 -14.23 -37.88 11.20
C GLY A 157 -13.49 -36.99 10.21
N PHE A 158 -14.22 -36.54 9.18
CA PHE A 158 -13.77 -35.52 8.22
C PHE A 158 -14.99 -34.90 7.57
N ASP A 159 -14.89 -33.61 7.29
CA ASP A 159 -15.88 -32.85 6.50
C ASP A 159 -15.24 -31.52 6.13
N MSE A 160 -15.99 -30.64 5.50
CA MSE A 160 -15.47 -29.34 5.03
C MSE A 160 -16.12 -28.24 5.84
O MSE A 160 -16.02 -27.06 5.44
CB MSE A 160 -15.74 -29.22 3.54
CG MSE A 160 -15.17 -30.36 2.70
SE MSE A 160 -15.62 -30.13 0.82
CE MSE A 160 -17.56 -30.47 0.96
N GLU A 161 -16.75 -28.59 6.96
CA GLU A 161 -17.53 -27.64 7.81
C GLU A 161 -16.62 -27.02 8.87
N VAL A 162 -15.69 -26.17 8.43
CA VAL A 162 -14.60 -25.64 9.28
C VAL A 162 -14.08 -24.36 8.65
N GLY A 163 -13.59 -23.48 9.49
CA GLY A 163 -13.18 -22.13 9.10
C GLY A 163 -11.69 -21.94 9.26
N TYR A 164 -11.09 -21.17 8.35
CA TYR A 164 -9.76 -20.58 8.53
C TYR A 164 -9.83 -19.56 9.66
N GLY A 165 -8.72 -19.41 10.37
CA GLY A 165 -8.46 -18.24 11.22
C GLY A 165 -8.30 -17.00 10.37
N ALA A 166 -8.13 -15.85 11.01
CA ALA A 166 -7.88 -14.58 10.30
C ALA A 166 -6.43 -14.53 9.86
N SER A 167 -6.16 -13.71 8.84
CA SER A 167 -4.82 -13.55 8.22
C SER A 167 -4.51 -12.07 8.05
N ALA A 168 -3.25 -11.71 8.01
CA ALA A 168 -2.88 -10.31 7.72
C ALA A 168 -2.94 -10.13 6.21
N ILE A 169 -2.32 -11.07 5.50
CA ILE A 169 -2.22 -10.97 4.02
C ILE A 169 -3.13 -12.00 3.37
N HIS A 170 -3.36 -11.82 2.08
CA HIS A 170 -4.27 -12.68 1.29
C HIS A 170 -3.78 -14.13 1.37
N VAL A 171 -4.73 -15.06 1.41
CA VAL A 171 -4.52 -16.53 1.40
C VAL A 171 -5.43 -17.15 0.34
N LYS A 172 -4.85 -17.95 -0.55
CA LYS A 172 -5.62 -18.82 -1.47
C LYS A 172 -6.01 -20.06 -0.68
N PRO A 173 -7.30 -20.26 -0.39
CA PRO A 173 -7.70 -21.38 0.46
C PRO A 173 -7.52 -22.73 -0.22
N ASP A 174 -7.62 -23.78 0.58
CA ASP A 174 -7.49 -25.21 0.18
C ASP A 174 -8.71 -25.57 -0.67
N GLN A 175 -8.50 -26.44 -1.65
CA GLN A 175 -9.59 -26.87 -2.56
C GLN A 175 -10.76 -27.42 -1.73
N ARG A 176 -10.52 -27.97 -0.56
CA ARG A 176 -11.59 -28.52 0.31
C ARG A 176 -12.30 -27.40 1.07
N CYS A 177 -11.87 -26.15 0.91
CA CYS A 177 -12.66 -25.09 1.59
C CYS A 177 -13.80 -24.77 0.63
N ASN A 178 -15.00 -25.17 1.02
CA ASN A 178 -16.21 -25.04 0.16
C ASN A 178 -17.20 -24.09 0.84
N GLU A 179 -18.49 -24.21 0.50
CA GLU A 179 -19.55 -23.28 0.98
C GLU A 179 -19.38 -22.85 2.42
N THR A 180 -19.43 -23.79 3.36
CA THR A 180 -19.42 -23.47 4.80
C THR A 180 -18.08 -22.80 5.14
N CYS A 181 -16.99 -23.40 4.70
CA CYS A 181 -15.65 -22.93 5.08
C CYS A 181 -15.50 -21.45 4.71
N LYS A 182 -15.91 -21.09 3.51
CA LYS A 182 -15.83 -19.69 3.04
C LYS A 182 -16.82 -18.84 3.82
N ALA A 183 -17.95 -19.40 4.22
CA ALA A 183 -18.97 -18.64 4.97
C ALA A 183 -18.46 -18.25 6.35
N VAL A 184 -17.67 -19.11 7.01
CA VAL A 184 -17.35 -18.94 8.45
C VAL A 184 -15.89 -18.49 8.63
N SER A 185 -15.07 -18.54 7.58
CA SER A 185 -13.66 -18.12 7.65
C SER A 185 -13.59 -16.64 8.01
N HIS A 186 -12.72 -16.27 8.95
CA HIS A 186 -12.60 -14.89 9.46
C HIS A 186 -11.79 -14.07 8.49
N THR A 187 -12.10 -12.78 8.38
CA THR A 187 -11.42 -11.87 7.44
C THR A 187 -10.38 -11.06 8.23
N ASP A 188 -10.78 -10.41 9.32
CA ASP A 188 -9.81 -9.66 10.15
C ASP A 188 -9.78 -10.14 11.59
N PHE A 189 -8.67 -9.86 12.26
CA PHE A 189 -8.37 -10.36 13.63
C PHE A 189 -9.37 -9.81 14.65
N ILE A 190 -9.99 -8.66 14.38
CA ILE A 190 -10.96 -7.99 15.31
C ILE A 190 -12.42 -8.25 14.89
N VAL A 191 -13.03 -9.30 15.45
CA VAL A 191 -14.29 -9.93 14.92
C VAL A 191 -15.39 -9.80 15.98
N GLU A 192 -16.63 -9.60 15.52
CA GLU A 192 -17.83 -9.28 16.35
C GLU A 192 -18.72 -10.51 16.51
N ARG A 193 -19.67 -10.43 17.45
CA ARG A 193 -20.36 -11.60 18.06
C ARG A 193 -21.07 -12.46 16.99
N ARG A 194 -22.00 -11.85 16.25
CA ARG A 194 -22.84 -12.53 15.21
C ARG A 194 -21.95 -13.02 14.06
N ASP A 195 -20.67 -12.65 14.06
CA ASP A 195 -19.78 -12.88 12.88
C ASP A 195 -19.41 -14.37 12.85
N ASN A 196 -19.83 -15.00 11.75
CA ASN A 196 -19.28 -16.27 11.21
C ASN A 196 -19.82 -17.46 12.00
N ARG A 197 -21.06 -17.36 12.49
CA ARG A 197 -21.74 -18.56 13.02
C ARG A 197 -21.92 -19.48 11.83
N CYS A 198 -21.95 -20.78 12.07
CA CYS A 198 -22.22 -21.80 11.04
C CYS A 198 -23.59 -21.52 10.45
N PRO A 199 -23.73 -21.56 9.11
CA PRO A 199 -25.00 -21.25 8.47
C PRO A 199 -26.03 -22.35 8.76
N GLY A 200 -27.27 -21.93 9.03
CA GLY A 200 -28.43 -22.83 9.14
C GLY A 200 -28.53 -23.50 10.49
N GLU A 201 -28.82 -24.80 10.45
CA GLU A 201 -29.13 -25.63 11.65
C GLU A 201 -27.88 -25.76 12.52
N LYS A 202 -26.68 -25.83 11.92
CA LYS A 202 -25.42 -26.00 12.70
C LYS A 202 -25.03 -24.71 13.44
N GLY A 203 -25.81 -23.64 13.35
CA GLY A 203 -25.51 -22.36 14.00
C GLY A 203 -25.24 -22.50 15.49
N GLU A 204 -26.07 -23.23 16.20
CA GLU A 204 -25.90 -23.43 17.66
C GLU A 204 -24.66 -24.27 17.95
N SER A 205 -24.22 -25.09 16.99
CA SER A 205 -23.09 -26.03 17.18
C SER A 205 -21.77 -25.35 16.85
N THR A 206 -21.81 -24.09 16.39
CA THR A 206 -20.58 -23.33 16.06
C THR A 206 -19.67 -23.30 17.27
N VAL A 207 -18.40 -23.61 17.07
CA VAL A 207 -17.37 -23.43 18.12
C VAL A 207 -16.50 -22.24 17.73
N PHE A 208 -16.43 -21.24 18.60
CA PHE A 208 -15.84 -19.94 18.26
C PHE A 208 -14.35 -19.97 18.56
N GLY A 209 -13.55 -19.59 17.58
CA GLY A 209 -12.13 -19.28 17.76
C GLY A 209 -11.94 -18.12 18.70
N GLY A 210 -10.75 -18.04 19.26
CA GLY A 210 -10.43 -17.09 20.34
C GLY A 210 -10.14 -15.72 19.78
N PHE A 211 -10.47 -14.69 20.57
CA PHE A 211 -10.12 -13.27 20.30
C PHE A 211 -8.76 -13.25 19.64
N GLY A 212 -8.67 -12.51 18.53
CA GLY A 212 -7.46 -12.54 17.68
C GLY A 212 -7.65 -13.37 16.43
N GLY A 213 -8.87 -13.83 16.14
CA GLY A 213 -9.20 -14.36 14.80
C GLY A 213 -9.07 -15.87 14.69
N GLY A 214 -9.08 -16.59 15.80
CA GLY A 214 -9.06 -18.05 15.75
C GLY A 214 -10.20 -18.61 14.90
N GLY A 215 -9.91 -19.61 14.09
CA GLY A 215 -10.91 -20.17 13.17
C GLY A 215 -12.05 -20.77 13.94
N ASN A 216 -13.28 -20.59 13.46
CA ASN A 216 -14.45 -21.34 13.96
C ASN A 216 -14.42 -22.76 13.40
N SER A 217 -15.23 -23.61 14.00
CA SER A 217 -15.49 -24.96 13.46
C SER A 217 -16.99 -25.19 13.48
N CYS A 218 -17.46 -25.98 12.53
CA CYS A 218 -18.89 -26.35 12.37
C CYS A 218 -19.02 -27.87 12.34
N GLY A 219 -17.90 -28.61 12.37
CA GLY A 219 -17.91 -30.07 12.26
C GLY A 219 -16.78 -30.73 13.02
N MSE A 220 -16.16 -31.74 12.41
CA MSE A 220 -15.23 -32.65 13.12
C MSE A 220 -13.83 -32.04 13.14
O MSE A 220 -13.11 -32.31 14.09
CB MSE A 220 -15.19 -34.03 12.44
CG MSE A 220 -16.48 -34.78 12.51
SE MSE A 220 -17.25 -34.99 14.26
CE MSE A 220 -18.73 -33.79 14.21
N LEU A 221 -13.44 -31.30 12.10
CA LEU A 221 -12.10 -30.68 12.05
C LEU A 221 -12.00 -29.54 13.07
N GLY A 222 -10.82 -29.35 13.62
CA GLY A 222 -10.52 -28.16 14.43
C GLY A 222 -10.34 -26.96 13.53
N GLY A 223 -10.80 -25.81 14.00
CA GLY A 223 -10.60 -24.54 13.28
C GLY A 223 -9.13 -24.24 13.22
N SER A 224 -8.70 -23.62 12.14
CA SER A 224 -7.27 -23.32 11.96
C SER A 224 -6.93 -22.13 12.84
N GLY A 225 -5.65 -22.01 13.17
CA GLY A 225 -5.11 -20.90 13.94
C GLY A 225 -4.97 -19.69 13.07
N ALA A 226 -5.19 -18.50 13.64
CA ALA A 226 -4.99 -17.23 12.90
C ALA A 226 -3.48 -17.03 12.78
N GLY A 227 -3.08 -16.08 11.95
CA GLY A 227 -1.66 -15.79 11.76
C GLY A 227 -1.41 -14.81 10.66
N TYR A 228 -0.13 -14.69 10.28
CA TYR A 228 0.27 -13.77 9.19
C TYR A 228 -0.49 -14.23 7.96
N GLN A 229 -0.42 -15.54 7.72
CA GLN A 229 -1.42 -16.32 6.94
C GLN A 229 -1.99 -17.43 7.83
N ALA A 230 -3.33 -17.55 7.89
CA ALA A 230 -3.99 -18.47 8.83
C ALA A 230 -3.62 -19.91 8.50
N GLY A 231 -3.57 -20.77 9.50
CA GLY A 231 -3.45 -22.22 9.33
C GLY A 231 -4.43 -22.76 8.29
N ASN A 232 -4.12 -23.94 7.76
CA ASN A 232 -5.01 -24.67 6.83
C ASN A 232 -5.76 -25.72 7.62
N PRO A 233 -7.10 -25.62 7.73
CA PRO A 233 -7.88 -26.57 8.50
C PRO A 233 -7.74 -28.00 7.96
N PHE A 234 -7.31 -28.15 6.71
CA PHE A 234 -7.24 -29.46 6.03
C PHE A 234 -5.82 -30.01 6.04
N GLY A 235 -4.85 -29.22 6.49
CA GLY A 235 -3.43 -29.61 6.52
C GLY A 235 -3.09 -30.61 7.61
N LYS A 236 -1.82 -31.00 7.67
CA LYS A 236 -1.30 -31.96 8.69
C LYS A 236 -0.33 -31.19 9.58
N SER A 237 -0.31 -31.57 10.86
CA SER A 237 0.59 -31.00 11.89
C SER A 237 0.51 -29.46 11.85
N ARG A 238 1.66 -28.79 11.79
CA ARG A 238 1.74 -27.33 12.03
C ARG A 238 1.07 -26.57 10.90
N ALA A 239 0.85 -27.22 9.75
CA ALA A 239 0.19 -26.55 8.60
C ALA A 239 -1.17 -26.00 9.04
N ARG A 240 -1.78 -26.60 10.07
CA ARG A 240 -3.09 -26.17 10.57
C ARG A 240 -2.95 -24.90 11.42
N SER A 241 -1.75 -24.56 11.84
CA SER A 241 -1.54 -23.43 12.77
C SER A 241 -1.04 -22.25 11.96
N GLY A 242 -1.23 -21.04 12.46
CA GLY A 242 -0.92 -19.82 11.72
C GLY A 242 0.59 -19.58 11.61
N SER A 243 0.96 -18.76 10.64
CA SER A 243 2.35 -18.33 10.40
C SER A 243 2.57 -17.05 11.17
N SER A 244 3.83 -16.71 11.39
CA SER A 244 4.25 -15.47 12.07
C SER A 244 5.16 -14.67 11.14
N ASN A 245 5.14 -13.35 11.27
CA ASN A 245 6.09 -12.49 10.56
C ASN A 245 6.37 -11.25 11.38
N VAL A 246 7.60 -10.74 11.27
CA VAL A 246 8.03 -9.46 11.87
C VAL A 246 8.47 -8.51 10.76
N SER A 247 7.84 -7.35 10.67
CA SER A 247 8.23 -6.30 9.71
C SER A 247 9.73 -6.05 9.88
N ILE A 248 10.52 -6.10 8.82
CA ILE A 248 12.01 -5.95 8.94
C ILE A 248 12.36 -4.51 9.33
N ASP A 249 11.40 -3.58 9.23
CA ASP A 249 11.56 -2.21 9.78
C ASP A 249 11.47 -2.21 11.31
N PHE A 250 11.26 -3.37 11.95
CA PHE A 250 11.08 -3.50 13.41
C PHE A 250 12.22 -4.32 14.01
N SER A 251 12.49 -5.51 13.51
CA SER A 251 13.63 -6.30 14.00
C SER A 251 14.37 -6.92 12.82
N LYS A 252 15.69 -6.89 12.88
CA LYS A 252 16.58 -7.45 11.84
C LYS A 252 16.45 -8.97 11.83
N SER A 253 16.63 -9.62 12.98
CA SER A 253 16.93 -11.07 13.09
C SER A 253 16.02 -11.75 14.12
N PRO A 254 14.69 -11.81 13.88
CA PRO A 254 13.80 -12.50 14.80
C PRO A 254 13.94 -14.01 14.68
N ILE A 255 13.63 -14.68 15.77
CA ILE A 255 13.69 -16.17 15.90
C ILE A 255 12.23 -16.62 16.00
N TYR A 256 11.84 -17.59 15.18
CA TYR A 256 10.48 -18.15 15.14
C TYR A 256 10.54 -19.59 15.62
N TYR A 257 9.67 -19.94 16.56
CA TYR A 257 9.60 -21.31 17.12
C TYR A 257 8.19 -21.58 17.59
N GLN A 258 7.95 -22.83 17.91
CA GLN A 258 6.64 -23.32 18.38
C GLN A 258 6.65 -23.34 19.91
N SER A 259 5.58 -22.87 20.53
CA SER A 259 5.51 -22.82 22.00
C SER A 259 5.61 -24.23 22.55
N GLU A 260 6.22 -24.37 23.71
CA GLU A 260 6.33 -25.65 24.42
C GLU A 260 5.09 -25.81 25.29
N ARG A 261 4.14 -24.87 25.24
CA ARG A 261 2.95 -25.02 26.13
C ARG A 261 1.67 -24.61 25.38
N LEU A 262 0.56 -25.24 25.78
CA LEU A 262 -0.78 -24.88 25.27
C LEU A 262 -1.36 -23.84 26.21
N ASP A 263 -1.41 -22.60 25.74
CA ASP A 263 -1.74 -21.45 26.62
C ASP A 263 -2.38 -20.33 25.81
N GLU A 264 -2.78 -19.29 26.52
CA GLU A 264 -3.24 -18.05 25.87
C GLU A 264 -2.01 -17.44 25.23
N GLY A 265 -2.23 -16.42 24.40
CA GLY A 265 -1.15 -15.56 23.87
C GLY A 265 -0.56 -14.74 24.98
N TYR A 266 0.49 -14.01 24.68
CA TYR A 266 1.14 -13.10 25.64
C TYR A 266 2.35 -12.49 24.97
N ILE A 267 2.76 -11.34 25.47
CA ILE A 267 4.03 -10.68 25.06
C ILE A 267 4.87 -10.41 26.31
N LYS A 268 6.07 -10.97 26.32
CA LYS A 268 7.09 -10.72 27.33
C LYS A 268 7.99 -9.61 26.83
N ILE A 269 8.14 -8.54 27.60
CA ILE A 269 9.06 -7.43 27.29
C ILE A 269 10.12 -7.39 28.40
N ALA A 270 11.36 -7.57 28.01
CA ALA A 270 12.49 -7.64 28.94
C ALA A 270 13.33 -6.38 28.74
N PHE A 271 13.68 -5.72 29.85
CA PHE A 271 14.64 -4.61 29.89
C PHE A 271 16.05 -5.17 29.78
N CYS A 272 16.93 -4.40 29.15
CA CYS A 272 18.38 -4.70 29.10
C CYS A 272 19.03 -4.00 30.31
N ARG A 273 19.62 -4.77 31.22
CA ARG A 273 19.90 -4.30 32.60
C ARG A 273 21.39 -4.08 32.83
N LYS A 274 22.27 -4.78 32.11
CA LYS A 274 23.74 -4.63 32.26
C LYS A 274 24.08 -3.14 32.18
N ARG A 275 24.88 -2.65 33.13
CA ARG A 275 25.47 -1.28 33.09
C ARG A 275 26.67 -1.32 32.14
N CYS A 276 26.68 -0.39 31.18
CA CYS A 276 27.63 -0.44 30.05
C CYS A 276 28.34 0.90 29.91
N GLU A 277 29.66 0.81 29.68
CA GLU A 277 30.57 1.97 29.51
C GLU A 277 30.35 2.56 28.11
N PRO A 278 29.81 3.79 27.98
CA PRO A 278 29.69 4.44 26.67
C PRO A 278 30.99 4.34 25.86
N PRO A 279 30.88 4.35 24.50
CA PRO A 279 29.60 4.51 23.81
C PRO A 279 28.77 3.21 23.67
N THR A 280 29.25 2.10 24.23
CA THR A 280 28.57 0.78 24.18
C THR A 280 27.29 0.84 25.00
N VAL A 281 26.26 0.10 24.55
CA VAL A 281 24.98 -0.08 25.30
C VAL A 281 24.76 -1.57 25.58
N CYS A 282 23.73 -1.84 26.37
CA CYS A 282 23.24 -3.19 26.68
C CYS A 282 22.46 -3.75 25.48
N ARG A 283 22.76 -5.00 25.13
CA ARG A 283 22.20 -5.70 23.95
C ARG A 283 22.18 -7.20 24.24
N PHE A 284 21.39 -7.95 23.47
CA PHE A 284 21.22 -9.40 23.66
C PHE A 284 21.85 -10.10 22.47
N ARG A 285 22.45 -11.28 22.68
CA ARG A 285 23.11 -11.94 21.52
C ARG A 285 23.09 -13.47 21.52
N LYS A 286 22.99 -14.15 22.66
CA LYS A 286 23.18 -15.62 22.61
C LYS A 286 21.98 -16.22 21.85
N ASP A 287 21.82 -17.54 21.97
CA ASP A 287 20.66 -18.23 21.33
C ASP A 287 19.42 -17.71 22.04
N TYR A 288 18.43 -17.24 21.27
CA TYR A 288 17.14 -16.66 21.72
C TYR A 288 17.34 -15.33 22.46
N PHE A 289 18.47 -14.64 22.25
CA PHE A 289 18.82 -13.37 22.92
C PHE A 289 18.74 -13.52 24.45
N GLU A 290 19.24 -14.65 24.99
CA GLU A 290 19.12 -14.93 26.44
C GLU A 290 20.31 -14.31 27.18
N GLU A 291 21.29 -13.77 26.45
CA GLU A 291 22.48 -13.17 27.11
C GLU A 291 22.54 -11.67 26.85
N GLU A 292 22.60 -10.90 27.94
CA GLU A 292 22.90 -9.44 27.88
C GLU A 292 24.42 -9.27 27.77
N TYR A 293 24.83 -8.24 27.05
CA TYR A 293 26.24 -7.88 26.83
C TYR A 293 26.32 -6.40 26.48
N CYS A 294 27.52 -5.87 26.63
CA CYS A 294 27.84 -4.47 26.29
C CYS A 294 28.48 -4.52 24.92
N GLY A 295 28.01 -3.65 24.02
CA GLY A 295 28.55 -3.58 22.67
C GLY A 295 28.00 -2.38 21.93
N CYS A 296 28.52 -2.13 20.74
CA CYS A 296 28.08 -0.98 19.94
C CYS A 296 26.62 -1.23 19.62
N PRO A 297 25.78 -0.18 19.71
CA PRO A 297 24.35 -0.37 19.54
C PRO A 297 23.96 -0.89 18.15
N ASP A 298 24.77 -0.59 17.14
CA ASP A 298 24.54 -1.10 15.76
C ASP A 298 24.88 -2.58 15.72
N GLY A 299 25.50 -3.10 16.79
CA GLY A 299 25.85 -4.53 16.92
C GLY A 299 27.26 -4.85 16.49
N SER A 300 28.07 -3.84 16.16
CA SER A 300 29.46 -4.08 15.72
C SER A 300 30.43 -4.24 16.90
N ASN A 301 31.46 -5.07 16.71
CA ASN A 301 32.60 -5.21 17.66
C ASN A 301 33.17 -3.82 17.92
N VAL A 302 33.53 -3.52 19.17
CA VAL A 302 34.20 -2.25 19.57
C VAL A 302 35.64 -2.25 19.06
N THR A 303 36.16 -3.43 18.71
CA THR A 303 37.60 -3.70 18.40
C THR A 303 37.95 -3.37 16.94
N ASP A 304 37.01 -2.82 16.16
CA ASP A 304 37.20 -2.55 14.70
C ASP A 304 38.36 -1.56 14.50
N THR A 305 38.44 -0.50 15.31
CA THR A 305 39.53 0.53 15.27
C THR A 305 39.63 1.19 16.66
N GLU A 306 40.68 1.98 16.89
CA GLU A 306 40.96 2.69 18.18
C GLU A 306 39.74 3.49 18.66
N GLU A 307 38.94 4.06 17.75
CA GLU A 307 37.71 4.83 18.13
C GLU A 307 36.48 3.93 18.01
N ALA A 308 36.02 3.38 19.14
CA ALA A 308 34.91 2.39 19.21
C ALA A 308 33.60 3.03 18.73
N CYS A 309 32.78 2.21 18.05
CA CYS A 309 31.38 2.52 17.64
C CYS A 309 31.34 3.71 16.68
N ALA A 310 32.38 3.88 15.86
CA ALA A 310 32.42 4.91 14.79
C ALA A 310 31.48 4.48 13.67
N PHE A 311 30.80 5.44 13.06
CA PHE A 311 29.85 5.19 11.94
C PHE A 311 30.56 4.41 10.83
N PRO A 312 30.10 3.19 10.46
CA PRO A 312 30.79 2.37 9.47
C PRO A 312 30.52 2.68 7.98
N LEU A 313 29.82 3.77 7.65
CA LEU A 313 29.50 4.14 6.24
C LEU A 313 29.99 5.54 5.92
N VAL A 314 30.36 5.77 4.67
CA VAL A 314 30.74 7.09 4.12
C VAL A 314 29.60 7.58 3.22
N CYS A 315 28.78 8.49 3.72
CA CYS A 315 27.56 8.99 3.03
C CYS A 315 27.93 9.98 1.93
N PRO A 316 27.18 10.01 0.80
CA PRO A 316 27.49 10.91 -0.31
C PRO A 316 26.66 12.20 -0.40
N SER A 317 27.36 13.27 -0.76
CA SER A 317 26.68 14.54 -1.11
C SER A 317 25.73 15.05 -0.03
N SER A 318 24.48 15.19 -0.46
CA SER A 318 23.41 15.90 0.29
C SER A 318 22.76 14.91 1.25
N SER A 319 23.56 14.33 2.14
CA SER A 319 23.14 13.21 3.03
C SER A 319 23.98 13.24 4.32
N THR A 320 23.32 12.93 5.43
CA THR A 320 23.90 12.99 6.79
C THR A 320 23.97 11.57 7.37
N ASN A 321 24.53 11.46 8.56
CA ASN A 321 24.85 10.19 9.25
C ASN A 321 23.73 9.85 10.24
N GLN A 322 23.02 8.73 10.05
CA GLN A 322 21.88 8.31 10.91
C GLN A 322 21.94 6.82 11.23
N TYR A 323 21.05 6.41 12.14
CA TYR A 323 20.67 5.00 12.43
C TYR A 323 19.14 4.85 12.37
N ARG A 324 18.68 3.63 12.08
CA ARG A 324 17.23 3.34 11.95
C ARG A 324 16.60 3.20 13.34
N ASN A 325 15.47 3.90 13.52
CA ASN A 325 14.80 4.14 14.82
C ASN A 325 14.60 2.82 15.58
N PHE A 326 14.50 1.66 14.91
CA PHE A 326 14.21 0.38 15.63
C PHE A 326 15.29 -0.67 15.45
N THR A 327 15.88 -0.77 14.28
CA THR A 327 16.84 -1.87 14.00
C THR A 327 18.24 -1.35 14.28
N TYR A 328 18.38 -0.02 14.42
CA TYR A 328 19.68 0.63 14.67
C TYR A 328 20.61 0.23 13.53
N GLU A 329 20.07 0.25 12.31
CA GLU A 329 20.85 -0.07 11.09
C GLU A 329 21.45 1.24 10.59
N PRO A 330 22.77 1.26 10.31
CA PRO A 330 23.43 2.48 9.86
C PRO A 330 22.92 2.84 8.47
N PHE A 331 22.70 4.12 8.21
CA PHE A 331 22.20 4.60 6.90
C PHE A 331 22.42 6.10 6.78
N CYS A 332 22.04 6.67 5.63
CA CYS A 332 22.43 8.03 5.21
C CYS A 332 21.20 8.81 4.78
N LEU A 333 20.73 9.72 5.62
CA LEU A 333 19.48 10.50 5.37
C LEU A 333 19.80 11.58 4.33
N CYS A 334 19.16 11.46 3.16
CA CYS A 334 19.26 12.44 2.06
C CYS A 334 18.25 13.57 2.30
N ASN A 335 18.68 14.81 2.08
CA ASN A 335 17.94 16.03 2.49
C ASN A 335 16.62 16.16 1.71
N ASN A 336 16.48 15.46 0.57
CA ASN A 336 15.22 15.49 -0.23
C ASN A 336 14.27 14.38 0.24
N GLY A 337 14.50 13.81 1.43
CA GLY A 337 13.65 12.77 2.04
C GLY A 337 14.24 11.37 1.88
N LYS A 338 15.06 11.16 0.85
CA LYS A 338 15.48 9.80 0.40
C LYS A 338 16.42 9.17 1.44
N GLU A 339 16.22 7.87 1.70
CA GLU A 339 17.05 7.10 2.66
C GLU A 339 17.98 6.19 1.87
N ILE A 340 19.29 6.38 2.01
CA ILE A 340 20.31 5.54 1.31
C ILE A 340 20.73 4.43 2.27
N TYR A 341 19.78 3.75 2.93
CA TYR A 341 20.11 2.53 3.73
C TYR A 341 20.38 1.40 2.73
N ASP A 342 21.17 1.76 1.72
CA ASP A 342 21.43 0.97 0.50
C ASP A 342 22.91 1.13 0.18
N VAL A 343 23.26 0.90 -1.09
CA VAL A 343 24.59 0.43 -1.55
C VAL A 343 25.56 1.63 -1.61
N TYR A 344 26.83 1.32 -1.88
CA TYR A 344 27.88 2.25 -2.37
C TYR A 344 27.33 3.01 -3.58
N ASN A 345 26.71 2.27 -4.50
CA ASN A 345 26.19 2.71 -5.82
C ASN A 345 25.20 3.88 -5.66
N ASP A 346 24.23 3.76 -4.76
CA ASP A 346 23.05 4.67 -4.68
C ASP A 346 23.51 6.08 -4.32
N THR A 347 22.77 7.09 -4.75
CA THR A 347 23.00 8.53 -4.41
C THR A 347 21.65 9.24 -4.30
N CYS A 348 21.70 10.57 -4.21
CA CYS A 348 20.56 11.42 -3.79
C CYS A 348 19.71 11.83 -5.00
N GLU A 349 19.72 11.05 -6.09
CA GLU A 349 19.06 11.38 -7.38
C GLU A 349 19.73 12.61 -8.00
N PRO B 5 21.32 18.48 -19.11
CA PRO B 5 20.21 18.89 -18.24
C PRO B 5 18.81 18.72 -18.86
N ASP B 6 18.56 17.55 -19.45
CA ASP B 6 17.19 17.11 -19.80
C ASP B 6 16.45 16.81 -18.50
N LEU B 7 15.25 17.39 -18.37
CA LEU B 7 14.47 17.48 -17.12
C LEU B 7 13.79 16.15 -16.78
N PHE B 8 13.46 16.01 -15.49
CA PHE B 8 12.64 14.93 -14.90
C PHE B 8 11.65 15.57 -13.94
N ILE B 9 10.44 15.78 -14.40
CA ILE B 9 9.36 16.32 -13.51
C ILE B 9 8.67 15.14 -12.82
N ASN B 10 8.96 15.02 -11.53
CA ASN B 10 8.59 13.85 -10.72
C ASN B 10 7.52 14.33 -9.74
N THR B 11 7.26 13.52 -8.73
CA THR B 11 6.15 13.74 -7.76
C THR B 11 6.67 14.53 -6.56
N CYS B 12 8.00 14.63 -6.40
CA CYS B 12 8.67 15.42 -5.33
C CYS B 12 8.42 14.74 -3.97
N GLY B 13 8.73 13.45 -3.86
CA GLY B 13 8.55 12.64 -2.64
C GLY B 13 7.12 12.17 -2.39
N ALA B 14 6.11 12.92 -2.92
CA ALA B 14 4.67 12.71 -2.66
C ALA B 14 4.19 11.40 -3.26
N SER B 15 2.97 11.02 -2.87
CA SER B 15 2.23 9.81 -3.32
C SER B 15 0.80 9.92 -2.82
N GLY B 16 -0.08 9.08 -3.36
CA GLY B 16 -1.48 9.04 -2.94
C GLY B 16 -2.16 10.39 -3.11
N PHE B 17 -3.19 10.64 -2.33
CA PHE B 17 -4.11 11.78 -2.50
C PHE B 17 -3.38 13.11 -2.32
N GLU B 18 -2.51 13.21 -1.32
CA GLU B 18 -1.94 14.52 -0.90
C GLU B 18 -0.94 14.97 -1.96
N GLN B 19 -1.19 16.17 -2.51
CA GLN B 19 -0.37 16.80 -3.57
C GLN B 19 1.03 17.04 -3.04
N PRO B 20 2.03 17.34 -3.91
CA PRO B 20 3.38 17.62 -3.46
C PRO B 20 3.40 18.98 -2.74
N GLN B 21 4.33 19.12 -1.78
CA GLN B 21 4.43 20.31 -0.89
C GLN B 21 5.76 21.07 -1.12
N ASN B 22 6.80 20.43 -1.64
CA ASN B 22 8.20 20.91 -1.51
C ASN B 22 8.85 21.09 -2.89
N CYS B 23 9.38 20.01 -3.48
CA CYS B 23 10.06 19.99 -4.80
C CYS B 23 11.42 20.71 -4.72
N ASP B 24 12.18 20.55 -3.63
CA ASP B 24 13.56 21.10 -3.49
C ASP B 24 14.55 19.95 -3.61
N HIS B 25 15.00 19.70 -4.85
CA HIS B 25 15.94 18.60 -5.19
C HIS B 25 16.80 19.01 -6.39
N HIS B 35 11.72 24.14 -12.12
CA HIS B 35 10.28 23.82 -12.37
C HIS B 35 9.46 24.20 -11.12
N PHE B 36 9.20 25.50 -10.99
CA PHE B 36 8.52 26.09 -9.81
C PHE B 36 7.20 25.35 -9.53
N LEU B 37 7.00 25.00 -8.26
CA LEU B 37 5.81 24.26 -7.78
C LEU B 37 4.68 25.23 -7.42
N LYS B 38 3.56 25.12 -8.11
CA LYS B 38 2.37 25.97 -7.92
C LYS B 38 1.68 25.62 -6.59
N GLU B 39 0.64 26.39 -6.23
CA GLU B 39 -0.11 26.25 -4.96
C GLU B 39 -1.05 25.05 -5.01
N ASP B 40 -1.62 24.77 -6.19
CA ASP B 40 -2.58 23.65 -6.40
C ASP B 40 -1.84 22.33 -6.66
N GLY B 41 -0.50 22.32 -6.59
CA GLY B 41 0.32 21.09 -6.68
C GLY B 41 0.74 20.76 -8.11
N THR B 42 0.30 21.56 -9.08
CA THR B 42 0.83 21.50 -10.47
C THR B 42 2.23 22.12 -10.49
N GLN B 43 2.99 21.86 -11.55
CA GLN B 43 4.40 22.30 -11.69
C GLN B 43 4.56 23.09 -13.00
N GLN B 44 4.98 24.36 -12.90
CA GLN B 44 5.23 25.26 -14.06
C GLN B 44 6.65 25.07 -14.55
N TRP B 45 6.88 25.37 -15.83
CA TRP B 45 8.22 25.32 -16.47
C TRP B 45 8.20 26.13 -17.77
N THR B 46 9.05 27.16 -17.84
CA THR B 46 9.22 28.05 -19.01
C THR B 46 10.29 27.44 -19.92
N VAL B 47 10.09 27.55 -21.23
CA VAL B 47 10.98 26.91 -22.24
C VAL B 47 12.21 27.79 -22.42
N PRO B 48 13.42 27.27 -22.14
CA PRO B 48 14.65 28.08 -22.23
C PRO B 48 15.00 28.45 -23.68
N VAL B 49 15.19 27.45 -24.55
CA VAL B 49 15.61 27.64 -25.97
C VAL B 49 14.46 27.16 -26.85
N THR B 50 14.32 27.76 -28.03
CA THR B 50 13.41 27.26 -29.08
C THR B 50 13.99 25.96 -29.64
N GLY B 51 13.10 25.04 -30.02
CA GLY B 51 13.48 23.81 -30.72
C GLY B 51 12.60 22.63 -30.36
N PHE B 52 13.07 21.45 -30.74
CA PHE B 52 12.34 20.18 -30.63
C PHE B 52 12.77 19.49 -29.35
N TYR B 53 11.79 19.20 -28.50
CA TYR B 53 11.97 18.43 -27.25
C TYR B 53 11.22 17.12 -27.38
N ARG B 54 11.87 16.04 -26.93
CA ARG B 54 11.24 14.71 -26.75
C ARG B 54 10.65 14.62 -25.34
N MSE B 55 9.40 14.20 -25.22
CA MSE B 55 8.67 14.06 -23.93
C MSE B 55 8.27 12.60 -23.70
O MSE B 55 7.90 11.92 -24.68
CB MSE B 55 7.44 14.95 -23.93
CG MSE B 55 7.77 16.37 -24.28
SE MSE B 55 6.81 17.53 -23.14
CE MSE B 55 6.02 18.80 -24.32
N GLU B 56 8.43 12.15 -22.46
CA GLU B 56 7.97 10.84 -21.95
C GLU B 56 7.02 11.15 -20.80
N ILE B 57 5.71 11.13 -21.10
CA ILE B 57 4.62 11.47 -20.14
C ILE B 57 3.92 10.18 -19.72
N CYS B 58 4.17 9.76 -18.49
CA CYS B 58 3.64 8.53 -17.89
C CYS B 58 2.63 8.91 -16.77
N GLY B 59 1.47 8.25 -16.78
CA GLY B 59 0.49 8.33 -15.67
C GLY B 59 0.92 7.46 -14.50
N ALA B 60 0.22 7.62 -13.37
CA ALA B 60 0.54 6.93 -12.10
C ALA B 60 -0.07 5.52 -12.04
N GLY B 61 0.69 4.57 -11.50
CA GLY B 61 0.18 3.22 -11.19
C GLY B 61 -0.87 3.22 -10.10
N GLY B 62 -1.63 2.14 -10.01
CA GLY B 62 -2.68 2.02 -8.99
C GLY B 62 -2.11 1.49 -7.71
N GLY B 63 -2.81 1.78 -6.61
CA GLY B 63 -2.52 1.22 -5.29
C GLY B 63 -2.45 -0.30 -5.34
N SER B 64 -1.92 -0.92 -4.29
CA SER B 64 -1.77 -2.40 -4.20
C SER B 64 -2.45 -2.96 -2.95
N ASN B 65 -2.47 -4.28 -2.90
CA ASN B 65 -3.10 -5.15 -1.89
C ASN B 65 -2.08 -6.21 -1.52
N SER B 66 -2.32 -6.90 -0.41
CA SER B 66 -1.61 -8.16 -0.13
C SER B 66 -1.99 -9.18 -1.20
N LYS B 67 -3.08 -8.96 -1.91
CA LYS B 67 -3.54 -9.93 -2.94
C LYS B 67 -2.86 -9.64 -4.27
N ALA B 68 -2.74 -8.37 -4.65
CA ALA B 68 -2.22 -8.03 -5.98
C ALA B 68 -1.68 -6.62 -6.07
N SER B 69 -0.75 -6.44 -7.01
CA SER B 69 -0.15 -5.13 -7.34
C SER B 69 -1.15 -4.32 -8.13
N GLY B 70 -1.03 -3.02 -8.02
CA GLY B 70 -1.81 -2.10 -8.84
C GLY B 70 -1.50 -2.27 -10.31
N ASP B 71 -2.36 -1.71 -11.13
CA ASP B 71 -2.22 -1.74 -12.60
C ASP B 71 -1.26 -0.63 -12.92
N THR B 72 -0.35 -0.90 -13.84
CA THR B 72 0.67 0.06 -14.30
C THR B 72 0.02 1.27 -14.99
N GLY B 73 0.69 2.42 -14.91
CA GLY B 73 0.24 3.67 -15.57
C GLY B 73 0.44 3.62 -17.09
N ASP B 74 -0.34 4.43 -17.79
CA ASP B 74 -0.26 4.53 -19.26
C ASP B 74 0.73 5.64 -19.62
N CYS B 75 1.60 5.35 -20.58
CA CYS B 75 2.69 6.23 -21.00
C CYS B 75 2.41 6.75 -22.42
N VAL B 76 2.90 7.94 -22.72
CA VAL B 76 3.04 8.43 -24.11
C VAL B 76 4.41 9.07 -24.28
N THR B 77 5.10 8.75 -25.37
CA THR B 77 6.30 9.47 -25.83
C THR B 77 5.93 10.27 -27.07
N LEU B 78 6.18 11.57 -27.06
CA LEU B 78 5.94 12.41 -28.26
C LEU B 78 7.20 13.23 -28.56
N GLN B 79 7.13 14.03 -29.62
CA GLN B 79 8.15 15.01 -30.03
C GLN B 79 7.40 16.29 -30.37
N VAL B 80 7.89 17.44 -29.93
CA VAL B 80 7.14 18.72 -30.10
C VAL B 80 8.11 19.91 -30.20
N HIS B 81 7.74 20.87 -31.05
CA HIS B 81 8.50 22.13 -31.22
C HIS B 81 7.92 23.17 -30.28
N LEU B 82 8.76 23.64 -29.35
CA LEU B 82 8.39 24.66 -28.33
C LEU B 82 9.19 25.93 -28.58
N ILE B 83 8.53 27.07 -28.40
CA ILE B 83 9.09 28.44 -28.64
C ILE B 83 9.61 28.94 -27.29
N GLU B 84 10.86 29.40 -27.25
CA GLU B 84 11.50 29.91 -26.00
C GLU B 84 10.49 30.80 -25.26
N ASN B 85 10.54 30.73 -23.93
CA ASN B 85 9.74 31.58 -23.00
C ASN B 85 8.26 31.20 -23.08
N LEU B 86 7.94 29.97 -23.47
CA LEU B 86 6.56 29.41 -23.36
C LEU B 86 6.46 28.77 -21.99
N SER B 87 5.27 28.89 -21.39
CA SER B 87 4.92 28.37 -20.04
C SER B 87 4.16 27.04 -20.18
N LEU B 88 4.80 25.94 -19.80
CA LEU B 88 4.14 24.61 -19.64
C LEU B 88 3.68 24.47 -18.19
N ARG B 89 2.38 24.22 -17.97
CA ARG B 89 1.81 23.80 -16.66
C ARG B 89 1.54 22.29 -16.71
N MSE B 90 1.85 21.59 -15.63
CA MSE B 90 1.84 20.11 -15.62
C MSE B 90 1.32 19.57 -14.27
O MSE B 90 1.57 20.20 -13.23
CB MSE B 90 3.26 19.61 -15.92
CG MSE B 90 4.03 20.58 -16.78
SE MSE B 90 5.89 20.06 -16.92
CE MSE B 90 5.79 18.28 -17.60
N LEU B 91 0.61 18.44 -14.32
CA LEU B 91 0.18 17.68 -13.12
C LEU B 91 0.74 16.27 -13.19
N ILE B 92 1.57 15.91 -12.23
CA ILE B 92 2.20 14.56 -12.20
C ILE B 92 1.28 13.64 -11.38
N GLY B 93 0.73 12.64 -12.06
CA GLY B 93 -0.14 11.65 -11.42
C GLY B 93 0.60 10.98 -10.28
N GLN B 94 -0.08 10.78 -9.15
CA GLN B 94 0.46 10.03 -8.00
C GLN B 94 -0.25 8.68 -7.89
N MSE B 95 0.46 7.69 -7.38
CA MSE B 95 -0.08 6.33 -7.17
C MSE B 95 -1.23 6.39 -6.19
O MSE B 95 -1.22 7.26 -5.30
CB MSE B 95 0.99 5.38 -6.60
CG MSE B 95 2.04 5.01 -7.60
SE MSE B 95 3.21 3.66 -6.97
CE MSE B 95 2.18 2.09 -7.30
N GLY B 96 -2.20 5.48 -6.39
CA GLY B 96 -3.35 5.32 -5.51
C GLY B 96 -2.93 4.82 -4.14
N GLU B 97 -3.73 5.16 -3.13
CA GLU B 97 -3.49 4.65 -1.77
C GLU B 97 -3.97 3.20 -1.64
N SER B 98 -3.65 2.61 -0.50
CA SER B 98 -3.95 1.22 -0.15
C SER B 98 -4.76 1.17 1.14
N PRO B 99 -5.62 0.14 1.31
CA PRO B 99 -6.36 -0.02 2.55
C PRO B 99 -5.44 -0.42 3.70
N CYS B 100 -5.55 0.27 4.83
CA CYS B 100 -4.82 -0.01 6.08
C CYS B 100 -5.78 0.18 7.25
N PHE B 101 -5.28 0.43 8.45
CA PHE B 101 -6.13 0.96 9.54
C PHE B 101 -5.44 2.13 10.21
N THR B 102 -6.17 2.83 11.08
CA THR B 102 -5.65 3.92 11.92
C THR B 102 -6.42 4.00 13.24
N GLU B 103 -5.82 4.69 14.20
CA GLU B 103 -6.51 5.13 15.43
C GLU B 103 -7.59 6.12 15.01
N HIS B 104 -8.85 5.79 15.28
CA HIS B 104 -10.01 6.71 15.19
C HIS B 104 -10.89 6.54 16.43
N ASP B 105 -10.74 7.45 17.39
CA ASP B 105 -11.53 7.51 18.64
C ASP B 105 -11.26 6.22 19.43
N ASP B 106 -10.02 6.06 19.86
CA ASP B 106 -9.57 4.96 20.75
C ASP B 106 -9.87 3.62 20.08
N GLU B 107 -10.02 3.56 18.76
CA GLU B 107 -10.43 2.31 18.07
C GLU B 107 -9.69 2.20 16.73
N LEU B 108 -9.34 0.98 16.34
CA LEU B 108 -8.62 0.69 15.07
C LEU B 108 -9.66 0.50 13.98
N ARG B 109 -9.77 1.48 13.08
CA ARG B 109 -10.78 1.50 12.01
C ARG B 109 -10.09 1.48 10.65
N PRO B 110 -10.79 1.00 9.61
CA PRO B 110 -10.24 1.04 8.27
C PRO B 110 -9.89 2.47 7.84
N SER B 111 -8.74 2.61 7.19
CA SER B 111 -8.19 3.90 6.69
C SER B 111 -7.44 3.70 5.37
N SER B 112 -6.98 4.81 4.80
CA SER B 112 -6.21 4.90 3.54
C SER B 112 -4.77 5.24 3.87
N CYS B 113 -3.82 4.58 3.24
CA CYS B 113 -2.38 4.88 3.43
C CYS B 113 -1.69 4.96 2.07
N SER B 114 -1.03 6.07 1.77
CA SER B 114 -0.11 6.18 0.61
C SER B 114 1.06 5.21 0.82
N LYS B 115 1.55 4.63 -0.27
CA LYS B 115 2.64 3.62 -0.21
C LYS B 115 3.89 4.31 0.33
N ILE B 116 4.40 3.85 1.46
CA ILE B 116 5.60 4.43 2.13
C ILE B 116 6.86 3.75 1.57
N SER B 117 6.81 2.41 1.42
CA SER B 117 7.97 1.59 0.99
C SER B 117 7.49 0.18 0.63
N HIS B 118 8.29 -0.51 -0.18
CA HIS B 118 8.17 -1.96 -0.48
C HIS B 118 8.59 -2.71 0.79
N ASN B 119 8.01 -3.89 1.05
CA ASN B 119 8.27 -4.78 2.21
C ASN B 119 7.75 -4.14 3.51
N TYR B 120 6.97 -3.06 3.35
CA TYR B 120 6.06 -2.47 4.38
C TYR B 120 4.64 -2.62 3.83
N VAL B 121 4.16 -3.88 3.82
CA VAL B 121 2.93 -4.34 3.12
C VAL B 121 1.74 -4.19 4.06
N TYR B 122 0.86 -3.24 3.76
CA TYR B 122 -0.36 -2.98 4.56
C TYR B 122 -1.23 -4.22 4.52
N ASP B 123 -2.12 -4.36 5.50
CA ASP B 123 -2.90 -5.60 5.69
C ASP B 123 -4.41 -5.30 5.61
N GLY B 124 -4.78 -4.23 4.91
CA GLY B 124 -6.17 -4.04 4.49
C GLY B 124 -6.65 -5.20 3.65
N LYS B 125 -7.96 -5.43 3.63
CA LYS B 125 -8.58 -6.50 2.82
C LYS B 125 -9.75 -5.92 2.04
N ARG B 126 -9.45 -4.91 1.26
CA ARG B 126 -10.38 -4.23 0.34
C ARG B 126 -9.64 -3.84 -0.94
N GLY B 127 -10.32 -3.10 -1.78
CA GLY B 127 -9.72 -2.61 -3.02
C GLY B 127 -8.77 -1.50 -2.72
N ALA B 128 -7.70 -1.42 -3.49
CA ALA B 128 -6.82 -0.25 -3.52
C ALA B 128 -7.35 0.76 -4.54
N ALA B 129 -6.90 2.00 -4.41
CA ALA B 129 -7.38 3.12 -5.22
C ALA B 129 -6.58 3.22 -6.51
N GLY B 130 -7.10 3.97 -7.47
CA GLY B 130 -6.51 4.15 -8.80
C GLY B 130 -5.41 5.19 -8.78
N GLY B 131 -4.46 5.09 -9.72
CA GLY B 131 -3.43 6.11 -9.94
C GLY B 131 -4.00 7.31 -10.68
N GLY B 132 -3.49 8.50 -10.37
CA GLY B 132 -3.91 9.74 -11.05
C GLY B 132 -3.28 9.83 -12.41
N ALA B 133 -3.87 10.67 -13.26
CA ALA B 133 -3.39 10.95 -14.62
C ALA B 133 -2.26 11.98 -14.53
N THR B 134 -1.32 11.89 -15.45
CA THR B 134 -0.26 12.91 -15.63
C THR B 134 -0.69 13.84 -16.76
N LEU B 135 -0.80 15.13 -16.47
CA LEU B 135 -1.37 16.11 -17.42
C LEU B 135 -0.30 17.16 -17.81
N LEU B 136 -0.54 17.86 -18.92
CA LEU B 136 0.36 18.88 -19.48
C LEU B 136 -0.45 19.79 -20.40
N THR B 137 -0.47 21.08 -20.09
CA THR B 137 -1.16 22.10 -20.87
C THR B 137 -0.12 23.14 -21.33
N VAL B 138 -0.52 24.01 -22.24
CA VAL B 138 0.22 25.25 -22.62
C VAL B 138 -0.75 26.44 -22.67
N GLU B 139 -2.06 26.20 -22.73
CA GLU B 139 -3.10 27.26 -22.62
C GLU B 139 -3.89 27.07 -21.32
N LYS B 140 -4.90 27.91 -21.10
CA LYS B 140 -5.61 28.04 -19.79
C LYS B 140 -6.99 27.38 -19.84
N ASP B 141 -7.26 26.51 -20.80
CA ASP B 141 -8.65 26.05 -21.08
C ASP B 141 -8.75 24.52 -21.22
N LEU B 142 -7.67 23.83 -21.54
CA LEU B 142 -7.69 22.34 -21.61
C LEU B 142 -6.29 21.79 -21.33
N TRP B 143 -6.17 20.47 -21.30
CA TRP B 143 -4.89 19.73 -21.13
C TRP B 143 -4.51 19.12 -22.48
N ASN B 144 -3.37 19.51 -23.03
CA ASN B 144 -2.92 19.07 -24.37
C ASN B 144 -2.55 17.61 -24.31
N VAL B 145 -1.89 17.18 -23.24
CA VAL B 145 -1.52 15.75 -23.06
C VAL B 145 -2.17 15.22 -21.79
N VAL B 146 -2.72 14.02 -21.87
CA VAL B 146 -3.33 13.30 -20.72
C VAL B 146 -2.82 11.87 -20.74
N ALA B 147 -1.97 11.51 -19.79
CA ALA B 147 -1.48 10.12 -19.66
C ALA B 147 -2.30 9.40 -18.57
N GLY B 148 -2.87 8.26 -18.93
CA GLY B 148 -3.86 7.58 -18.08
C GLY B 148 -3.20 6.87 -16.93
N GLY B 149 -3.85 6.91 -15.76
CA GLY B 149 -3.43 6.19 -14.53
C GLY B 149 -3.83 4.72 -14.54
N GLY B 150 -3.12 3.90 -13.76
CA GLY B 150 -3.44 2.48 -13.57
C GLY B 150 -4.56 2.30 -12.57
N ALA B 151 -5.40 1.28 -12.74
CA ALA B 151 -6.45 0.91 -11.78
C ALA B 151 -5.82 0.30 -10.53
N GLY B 152 -6.50 0.47 -9.40
CA GLY B 152 -6.05 -0.11 -8.13
C GLY B 152 -6.36 -1.59 -8.08
N ALA B 153 -5.58 -2.33 -7.33
CA ALA B 153 -5.83 -3.77 -7.11
C ALA B 153 -7.15 -3.97 -6.39
N SER B 154 -7.93 -4.94 -6.87
CA SER B 154 -9.23 -5.34 -6.29
C SER B 154 -8.91 -6.46 -5.30
N TRP B 155 -9.75 -6.58 -4.26
CA TRP B 155 -9.73 -7.74 -3.33
C TRP B 155 -10.58 -8.87 -3.94
N ASP B 156 -10.84 -9.94 -3.17
CA ASP B 156 -11.62 -11.12 -3.61
C ASP B 156 -13.09 -10.86 -3.91
N GLY B 157 -13.83 -10.05 -3.17
CA GLY B 157 -15.31 -10.12 -3.37
C GLY B 157 -15.87 -9.43 -4.62
N PHE B 158 -17.08 -8.89 -4.50
CA PHE B 158 -17.66 -7.96 -5.49
C PHE B 158 -18.69 -7.06 -4.81
N ASP B 159 -18.69 -5.80 -5.22
CA ASP B 159 -19.71 -4.81 -4.85
C ASP B 159 -19.66 -3.66 -5.84
N MSE B 160 -20.52 -2.67 -5.65
CA MSE B 160 -20.64 -1.51 -6.55
C MSE B 160 -20.09 -0.27 -5.85
O MSE B 160 -20.38 0.82 -6.36
CB MSE B 160 -22.10 -1.27 -6.90
CG MSE B 160 -22.75 -2.41 -7.63
SE MSE B 160 -24.64 -2.04 -7.97
CE MSE B 160 -25.01 -3.44 -9.29
N GLU B 161 -19.32 -0.45 -4.77
CA GLU B 161 -18.85 0.65 -3.88
C GLU B 161 -17.45 1.10 -4.32
N VAL B 162 -17.36 1.58 -5.55
CA VAL B 162 -16.07 1.95 -6.20
C VAL B 162 -16.31 3.11 -7.15
N GLY B 163 -15.31 3.97 -7.28
CA GLY B 163 -15.38 5.18 -8.11
C GLY B 163 -14.66 4.98 -9.42
N TYR B 164 -15.09 5.72 -10.44
CA TYR B 164 -14.29 6.06 -11.65
C TYR B 164 -13.24 7.12 -11.28
N GLY B 165 -12.06 7.01 -11.87
CA GLY B 165 -11.11 8.13 -11.87
C GLY B 165 -11.72 9.31 -12.61
N ALA B 166 -11.10 10.49 -12.52
CA ALA B 166 -11.43 11.65 -13.36
C ALA B 166 -11.22 11.33 -14.86
N SER B 167 -11.98 12.01 -15.70
CA SER B 167 -11.91 11.90 -17.18
C SER B 167 -11.83 13.28 -17.83
N ALA B 168 -11.12 13.38 -18.94
CA ALA B 168 -11.06 14.63 -19.73
C ALA B 168 -12.41 14.81 -20.42
N ILE B 169 -12.87 13.77 -21.11
CA ILE B 169 -14.18 13.77 -21.83
C ILE B 169 -15.15 12.84 -21.10
N HIS B 170 -16.44 13.04 -21.38
CA HIS B 170 -17.54 12.23 -20.80
C HIS B 170 -17.25 10.74 -20.99
N VAL B 171 -17.61 9.96 -19.98
CA VAL B 171 -17.60 8.48 -20.06
C VAL B 171 -18.98 7.98 -19.65
N LYS B 172 -19.60 7.14 -20.48
CA LYS B 172 -20.93 6.56 -20.17
C LYS B 172 -20.68 5.51 -19.12
N PRO B 173 -21.22 5.71 -17.89
CA PRO B 173 -20.88 4.82 -16.79
C PRO B 173 -21.47 3.43 -17.01
N ASP B 174 -20.87 2.46 -16.34
CA ASP B 174 -21.23 1.04 -16.44
C ASP B 174 -22.62 0.87 -15.83
N GLN B 175 -23.28 -0.22 -16.22
CA GLN B 175 -24.59 -0.65 -15.67
C GLN B 175 -24.46 -0.68 -14.13
N ARG B 176 -23.30 -1.11 -13.60
CA ARG B 176 -23.11 -1.37 -12.15
C ARG B 176 -22.71 -0.09 -11.41
N CYS B 177 -22.64 1.07 -12.06
CA CYS B 177 -22.28 2.32 -11.33
C CYS B 177 -23.56 2.90 -10.70
N ASN B 178 -23.76 2.73 -9.39
CA ASN B 178 -25.01 3.17 -8.73
C ASN B 178 -24.69 4.29 -7.76
N GLU B 179 -25.39 4.39 -6.63
CA GLU B 179 -25.40 5.59 -5.76
C GLU B 179 -23.98 5.89 -5.32
N THR B 180 -23.23 4.89 -4.85
CA THR B 180 -21.89 5.13 -4.26
C THR B 180 -20.92 5.47 -5.39
N CYS B 181 -20.91 4.69 -6.46
CA CYS B 181 -19.99 4.91 -7.61
C CYS B 181 -20.17 6.33 -8.15
N LYS B 182 -21.40 6.82 -8.23
CA LYS B 182 -21.69 8.15 -8.80
C LYS B 182 -21.36 9.21 -7.76
N ALA B 183 -21.41 8.88 -6.47
CA ALA B 183 -21.14 9.87 -5.41
C ALA B 183 -19.64 10.11 -5.30
N VAL B 184 -18.84 9.05 -5.41
CA VAL B 184 -17.37 9.13 -5.12
C VAL B 184 -16.59 9.33 -6.43
N SER B 185 -17.21 9.14 -7.60
CA SER B 185 -16.51 9.33 -8.88
C SER B 185 -16.10 10.80 -9.00
N HIS B 186 -14.94 11.03 -9.61
CA HIS B 186 -14.31 12.36 -9.70
C HIS B 186 -14.81 13.07 -10.96
N THR B 187 -15.20 14.33 -10.80
CA THR B 187 -15.54 15.23 -11.94
C THR B 187 -14.25 15.85 -12.51
N ASP B 188 -13.42 16.46 -11.68
CA ASP B 188 -12.18 17.17 -12.09
C ASP B 188 -10.96 16.36 -11.69
N PHE B 189 -9.82 16.64 -12.31
CA PHE B 189 -8.56 15.90 -12.08
C PHE B 189 -7.93 16.33 -10.76
N ILE B 190 -8.12 17.60 -10.38
CA ILE B 190 -7.65 18.13 -9.07
C ILE B 190 -8.85 18.11 -8.15
N VAL B 191 -8.90 17.09 -7.31
CA VAL B 191 -10.09 16.78 -6.47
C VAL B 191 -9.96 17.62 -5.20
N GLU B 192 -11.06 18.22 -4.78
CA GLU B 192 -11.10 19.05 -3.56
C GLU B 192 -10.98 18.12 -2.35
N ARG B 193 -10.26 18.58 -1.32
CA ARG B 193 -10.12 17.88 -0.02
C ARG B 193 -11.51 17.62 0.54
N ARG B 194 -11.73 16.47 1.19
CA ARG B 194 -13.00 16.14 1.87
C ARG B 194 -14.14 16.03 0.85
N ASP B 195 -13.80 15.94 -0.45
CA ASP B 195 -14.80 15.72 -1.52
C ASP B 195 -14.74 14.25 -1.93
N ASN B 196 -15.83 13.76 -2.55
CA ASN B 196 -15.92 12.38 -3.07
C ASN B 196 -15.55 11.34 -2.01
N ARG B 197 -15.79 11.60 -0.72
CA ARG B 197 -15.62 10.59 0.36
C ARG B 197 -16.79 9.60 0.30
N CYS B 198 -16.56 8.34 0.70
CA CYS B 198 -17.59 7.28 0.70
C CYS B 198 -18.77 7.74 1.56
N PRO B 199 -20.03 7.49 1.14
CA PRO B 199 -21.19 8.02 1.84
C PRO B 199 -21.39 7.36 3.21
N GLY B 200 -22.01 8.10 4.13
CA GLY B 200 -22.40 7.63 5.47
C GLY B 200 -21.23 7.62 6.43
N GLU B 201 -21.25 6.67 7.38
CA GLU B 201 -20.19 6.48 8.41
C GLU B 201 -18.99 5.75 7.79
N LYS B 202 -19.19 5.10 6.63
CA LYS B 202 -18.12 4.39 5.89
C LYS B 202 -17.14 5.37 5.24
N GLY B 203 -17.29 6.69 5.45
CA GLY B 203 -16.40 7.70 4.87
C GLY B 203 -14.95 7.52 5.30
N GLU B 204 -14.71 7.20 6.57
CA GLU B 204 -13.34 6.95 7.08
C GLU B 204 -12.72 5.80 6.30
N SER B 205 -13.55 4.91 5.73
CA SER B 205 -13.11 3.64 5.10
C SER B 205 -12.73 3.86 3.64
N THR B 206 -12.91 5.08 3.11
CA THR B 206 -12.48 5.46 1.75
C THR B 206 -10.98 5.24 1.57
N VAL B 207 -10.60 4.52 0.50
CA VAL B 207 -9.21 4.41 0.01
C VAL B 207 -9.05 5.37 -1.17
N PHE B 208 -8.22 6.38 -0.97
CA PHE B 208 -8.17 7.57 -1.85
C PHE B 208 -7.29 7.29 -3.07
N GLY B 209 -7.83 7.66 -4.23
CA GLY B 209 -7.08 7.69 -5.49
C GLY B 209 -5.98 8.72 -5.40
N GLY B 210 -4.90 8.47 -6.14
CA GLY B 210 -3.72 9.34 -6.18
C GLY B 210 -4.05 10.69 -6.79
N PHE B 211 -3.33 11.71 -6.33
CA PHE B 211 -3.36 13.07 -6.93
C PHE B 211 -3.27 12.89 -8.43
N GLY B 212 -4.14 13.59 -9.17
CA GLY B 212 -4.31 13.37 -10.62
C GLY B 212 -5.64 12.73 -10.96
N GLY B 213 -6.49 12.50 -9.96
CA GLY B 213 -7.88 12.02 -10.17
C GLY B 213 -7.99 10.50 -10.14
N GLY B 214 -7.05 9.82 -9.50
CA GLY B 214 -7.17 8.36 -9.24
C GLY B 214 -8.52 8.02 -8.63
N GLY B 215 -9.15 6.94 -9.09
CA GLY B 215 -10.48 6.55 -8.58
C GLY B 215 -10.42 6.12 -7.13
N ASN B 216 -11.40 6.54 -6.35
CA ASN B 216 -11.58 6.04 -4.96
C ASN B 216 -12.23 4.66 -4.98
N SER B 217 -12.04 3.91 -3.91
CA SER B 217 -12.76 2.64 -3.64
C SER B 217 -13.35 2.67 -2.25
N CYS B 218 -14.57 2.16 -2.09
CA CYS B 218 -15.25 2.03 -0.79
C CYS B 218 -15.45 0.56 -0.45
N GLY B 219 -14.86 -0.37 -1.21
CA GLY B 219 -15.11 -1.80 -1.02
C GLY B 219 -14.09 -2.65 -1.74
N MSE B 220 -14.54 -3.75 -2.36
CA MSE B 220 -13.65 -4.87 -2.75
C MSE B 220 -12.93 -4.57 -4.05
O MSE B 220 -11.86 -5.13 -4.28
CB MSE B 220 -14.44 -6.17 -2.90
CG MSE B 220 -15.00 -6.67 -1.60
SE MSE B 220 -13.71 -6.68 -0.17
CE MSE B 220 -14.45 -7.55 1.43
N LEU B 221 -13.54 -3.75 -4.90
CA LEU B 221 -12.96 -3.51 -6.24
C LEU B 221 -11.96 -2.37 -6.12
N GLY B 222 -10.93 -2.42 -6.96
CA GLY B 222 -9.98 -1.30 -7.11
C GLY B 222 -10.63 -0.13 -7.84
N GLY B 223 -10.36 1.09 -7.39
CA GLY B 223 -10.67 2.31 -8.15
C GLY B 223 -10.01 2.27 -9.54
N SER B 224 -10.70 2.82 -10.53
CA SER B 224 -10.19 2.89 -11.92
C SER B 224 -9.17 4.02 -12.02
N GLY B 225 -8.21 3.87 -12.93
CA GLY B 225 -7.27 4.92 -13.30
C GLY B 225 -8.00 6.12 -13.90
N ALA B 226 -7.52 7.33 -13.63
CA ALA B 226 -7.97 8.54 -14.34
C ALA B 226 -7.34 8.47 -15.72
N GLY B 227 -7.89 9.23 -16.66
CA GLY B 227 -7.30 9.30 -18.01
C GLY B 227 -8.11 10.20 -18.92
N TYR B 228 -7.77 10.17 -20.20
CA TYR B 228 -8.52 10.92 -21.24
C TYR B 228 -9.98 10.52 -21.06
N GLN B 229 -10.22 9.20 -21.13
CA GLN B 229 -11.41 8.53 -20.55
C GLN B 229 -10.96 7.63 -19.39
N ALA B 230 -11.59 7.80 -18.22
CA ALA B 230 -11.23 7.05 -17.00
C ALA B 230 -11.64 5.59 -17.18
N GLY B 231 -10.81 4.70 -16.64
CA GLY B 231 -11.04 3.25 -16.68
C GLY B 231 -12.39 2.90 -16.09
N ASN B 232 -12.80 1.66 -16.33
CA ASN B 232 -14.06 1.09 -15.82
C ASN B 232 -13.70 0.16 -14.68
N PRO B 233 -14.18 0.44 -13.43
CA PRO B 233 -13.83 -0.39 -12.29
C PRO B 233 -14.41 -1.81 -12.45
N PHE B 234 -15.51 -1.93 -13.17
CA PHE B 234 -16.16 -3.24 -13.46
C PHE B 234 -15.57 -3.91 -14.71
N GLY B 235 -14.64 -3.24 -15.39
CA GLY B 235 -13.98 -3.76 -16.59
C GLY B 235 -12.98 -4.88 -16.30
N LYS B 236 -12.42 -5.43 -17.37
CA LYS B 236 -11.44 -6.56 -17.34
C LYS B 236 -10.12 -6.04 -17.90
N SER B 237 -9.00 -6.60 -17.40
CA SER B 237 -7.65 -6.25 -17.87
C SER B 237 -7.52 -4.71 -17.91
N ARG B 238 -7.08 -4.16 -19.04
CA ARG B 238 -6.67 -2.74 -19.15
C ARG B 238 -7.89 -1.82 -19.17
N ALA B 239 -9.11 -2.33 -19.29
CA ALA B 239 -10.29 -1.44 -19.36
C ALA B 239 -10.47 -0.73 -18.02
N ARG B 240 -9.83 -1.23 -16.96
CA ARG B 240 -9.93 -0.63 -15.60
C ARG B 240 -9.02 0.59 -15.50
N SER B 241 -7.91 0.61 -16.24
CA SER B 241 -6.94 1.74 -16.27
C SER B 241 -7.39 2.76 -17.32
N GLY B 242 -7.00 4.00 -17.11
CA GLY B 242 -7.38 5.15 -17.96
C GLY B 242 -6.67 5.13 -19.31
N SER B 243 -7.27 5.84 -20.25
CA SER B 243 -6.75 6.03 -21.62
C SER B 243 -5.98 7.35 -21.67
N SER B 244 -5.01 7.41 -22.58
CA SER B 244 -4.14 8.59 -22.82
C SER B 244 -4.49 9.23 -24.18
N ASN B 245 -4.34 10.54 -24.29
CA ASN B 245 -4.53 11.26 -25.56
C ASN B 245 -3.62 12.48 -25.62
N VAL B 246 -3.12 12.74 -26.82
CA VAL B 246 -2.35 13.96 -27.18
C VAL B 246 -3.15 14.75 -28.22
N SER B 247 -3.35 16.05 -27.98
CA SER B 247 -3.97 16.96 -28.96
C SER B 247 -3.27 16.80 -30.32
N ILE B 248 -4.02 16.88 -31.43
CA ILE B 248 -3.45 16.79 -32.81
C ILE B 248 -2.73 18.10 -33.14
N ASP B 249 -3.04 19.19 -32.41
CA ASP B 249 -2.38 20.52 -32.55
C ASP B 249 -1.24 20.66 -31.53
N PHE B 250 -0.55 19.56 -31.22
CA PHE B 250 0.58 19.57 -30.26
C PHE B 250 1.65 18.60 -30.72
N SER B 251 1.29 17.38 -31.04
CA SER B 251 2.20 16.41 -31.68
C SER B 251 1.46 15.63 -32.78
N LYS B 252 2.06 15.61 -33.97
CA LYS B 252 1.57 14.90 -35.17
C LYS B 252 1.38 13.41 -34.86
N SER B 253 2.37 12.78 -34.21
CA SER B 253 2.48 11.29 -34.16
C SER B 253 3.04 10.85 -32.82
N PRO B 254 2.24 10.96 -31.72
CA PRO B 254 2.67 10.41 -30.43
C PRO B 254 2.63 8.88 -30.49
N ILE B 255 3.47 8.23 -29.69
CA ILE B 255 3.43 6.75 -29.52
C ILE B 255 2.92 6.44 -28.11
N TYR B 256 1.87 5.64 -27.99
CA TYR B 256 1.26 5.26 -26.69
C TYR B 256 1.67 3.84 -26.33
N TYR B 257 1.91 3.60 -25.06
CA TYR B 257 2.37 2.28 -24.56
C TYR B 257 2.08 2.23 -23.06
N GLN B 258 1.94 1.02 -22.57
CA GLN B 258 1.69 0.78 -21.13
C GLN B 258 3.06 0.72 -20.47
N SER B 259 3.23 1.42 -19.34
CA SER B 259 4.52 1.39 -18.60
C SER B 259 4.85 -0.04 -18.17
N GLU B 260 6.14 -0.36 -18.12
CA GLU B 260 6.60 -1.72 -17.77
C GLU B 260 6.88 -1.72 -16.28
N ARG B 261 6.76 -0.57 -15.63
CA ARG B 261 7.08 -0.48 -14.19
C ARG B 261 5.90 0.11 -13.41
N LEU B 262 5.65 -0.40 -12.21
CA LEU B 262 4.58 0.16 -11.35
C LEU B 262 5.24 1.26 -10.52
N ASP B 263 4.91 2.52 -10.80
CA ASP B 263 5.54 3.65 -10.09
C ASP B 263 4.71 4.92 -10.27
N GLU B 264 5.14 6.00 -9.65
CA GLU B 264 4.42 7.30 -9.70
C GLU B 264 4.47 7.78 -11.14
N GLY B 265 3.65 8.79 -11.44
CA GLY B 265 3.71 9.46 -12.75
C GLY B 265 4.98 10.28 -12.86
N TYR B 266 5.35 10.65 -14.07
CA TYR B 266 6.52 11.51 -14.30
C TYR B 266 6.48 12.07 -15.70
N ILE B 267 7.32 13.06 -15.94
CA ILE B 267 7.57 13.57 -17.31
C ILE B 267 9.07 13.79 -17.48
N LYS B 268 9.69 13.04 -18.39
CA LYS B 268 11.06 13.28 -18.89
C LYS B 268 10.99 14.20 -20.10
N ILE B 269 11.47 15.43 -19.96
CA ILE B 269 11.64 16.36 -21.10
C ILE B 269 13.12 16.37 -21.50
N ALA B 270 13.43 15.92 -22.70
CA ALA B 270 14.78 15.97 -23.29
C ALA B 270 14.78 17.00 -24.42
N PHE B 271 15.75 17.91 -24.41
CA PHE B 271 16.14 18.70 -25.60
C PHE B 271 17.13 17.84 -26.39
N CYS B 272 17.10 17.93 -27.73
CA CYS B 272 18.05 17.18 -28.58
C CYS B 272 19.26 18.08 -28.86
N ARG B 273 20.43 17.54 -28.50
CA ARG B 273 21.71 18.27 -28.29
C ARG B 273 22.69 17.80 -29.36
N LYS B 274 22.22 17.77 -30.61
CA LYS B 274 23.08 17.52 -31.79
C LYS B 274 23.17 18.83 -32.58
N ARG B 275 24.39 19.18 -32.99
CA ARG B 275 24.68 20.43 -33.74
C ARG B 275 24.29 20.18 -35.19
N CYS B 276 23.39 21.02 -35.73
CA CYS B 276 22.77 20.87 -37.06
C CYS B 276 22.92 22.15 -37.88
N GLU B 277 23.46 22.01 -39.10
CA GLU B 277 23.77 23.12 -40.03
C GLU B 277 22.49 23.58 -40.71
N PRO B 278 22.02 24.83 -40.47
CA PRO B 278 20.81 25.33 -41.12
C PRO B 278 20.78 25.08 -42.62
N PRO B 279 19.58 24.90 -43.23
CA PRO B 279 18.31 25.20 -42.59
C PRO B 279 17.77 24.05 -41.74
N THR B 280 18.50 22.93 -41.67
CA THR B 280 18.06 21.73 -40.90
C THR B 280 18.23 22.01 -39.42
N VAL B 281 17.29 21.50 -38.62
CA VAL B 281 17.37 21.56 -37.13
C VAL B 281 17.51 20.12 -36.64
N CYS B 282 17.70 19.98 -35.33
CA CYS B 282 17.79 18.68 -34.65
C CYS B 282 16.37 18.19 -34.40
N ARG B 283 16.17 16.90 -34.56
CA ARG B 283 14.85 16.24 -34.39
C ARG B 283 15.10 14.83 -33.88
N PHE B 284 14.01 14.12 -33.59
CA PHE B 284 14.02 12.70 -33.17
C PHE B 284 13.24 11.86 -34.18
N ARG B 285 13.64 10.60 -34.38
CA ARG B 285 13.04 9.83 -35.50
C ARG B 285 12.96 8.35 -35.18
N LYS B 286 13.82 7.80 -34.33
CA LYS B 286 13.81 6.34 -34.12
C LYS B 286 12.52 5.92 -33.41
N ASP B 287 12.38 4.61 -33.12
CA ASP B 287 11.28 4.08 -32.27
C ASP B 287 11.40 4.71 -30.89
N TYR B 288 10.31 5.32 -30.41
CA TYR B 288 10.19 6.09 -29.15
C TYR B 288 11.06 7.36 -29.22
N PHE B 289 11.41 7.80 -30.43
CA PHE B 289 12.22 9.02 -30.72
C PHE B 289 13.56 8.96 -29.97
N GLU B 290 14.19 7.78 -29.91
CA GLU B 290 15.42 7.56 -29.12
C GLU B 290 16.66 8.07 -29.85
N GLU B 291 16.54 8.50 -31.11
CA GLU B 291 17.67 8.95 -31.95
C GLU B 291 17.48 10.41 -32.35
N GLU B 292 18.52 11.20 -32.13
CA GLU B 292 18.60 12.61 -32.60
C GLU B 292 19.18 12.54 -34.02
N TYR B 293 18.61 13.31 -34.94
CA TYR B 293 19.09 13.42 -36.33
C TYR B 293 18.87 14.86 -36.81
N CYS B 294 19.68 15.27 -37.77
CA CYS B 294 19.59 16.61 -38.41
C CYS B 294 18.72 16.50 -39.64
N GLY B 295 17.67 17.30 -39.72
CA GLY B 295 16.71 17.20 -40.84
C GLY B 295 15.84 18.42 -40.93
N CYS B 296 15.04 18.49 -42.00
CA CYS B 296 14.14 19.63 -42.25
C CYS B 296 13.17 19.72 -41.07
N PRO B 297 12.99 20.91 -40.48
CA PRO B 297 12.15 21.04 -39.29
C PRO B 297 10.69 20.57 -39.45
N ASP B 298 10.14 20.58 -40.67
CA ASP B 298 8.76 20.08 -40.93
C ASP B 298 8.76 18.55 -41.09
N GLY B 299 9.93 17.90 -40.96
CA GLY B 299 10.02 16.43 -40.96
C GLY B 299 10.29 15.85 -42.35
N SER B 300 10.66 16.67 -43.33
CA SER B 300 11.02 16.22 -44.71
C SER B 300 12.40 15.54 -44.67
N ASN B 301 12.91 15.16 -45.83
CA ASN B 301 14.36 14.88 -46.04
C ASN B 301 14.95 16.09 -46.77
N VAL B 302 16.24 16.32 -46.60
CA VAL B 302 16.95 17.47 -47.26
C VAL B 302 17.24 17.07 -48.70
N THR B 303 17.60 15.80 -48.92
CA THR B 303 18.01 15.25 -50.24
C THR B 303 16.87 15.43 -51.27
N ASP B 304 15.62 15.49 -50.80
CA ASP B 304 14.39 15.43 -51.66
C ASP B 304 14.39 16.61 -52.63
N THR B 305 14.48 17.85 -52.13
CA THR B 305 14.41 19.08 -52.96
C THR B 305 15.82 19.62 -53.21
N GLU B 306 16.07 20.13 -54.43
CA GLU B 306 17.38 20.67 -54.86
C GLU B 306 17.75 21.87 -53.98
N GLU B 307 16.76 22.64 -53.52
CA GLU B 307 16.91 23.60 -52.41
C GLU B 307 16.45 22.92 -51.12
N ALA B 308 17.34 22.80 -50.14
CA ALA B 308 17.11 22.09 -48.87
C ALA B 308 15.98 22.78 -48.10
N CYS B 309 14.99 22.00 -47.67
CA CYS B 309 13.88 22.45 -46.78
C CYS B 309 13.16 23.63 -47.42
N ALA B 310 12.88 23.55 -48.72
CA ALA B 310 12.12 24.57 -49.46
C ALA B 310 10.62 24.36 -49.20
N PHE B 311 9.90 25.43 -48.85
CA PHE B 311 8.48 25.41 -48.43
C PHE B 311 7.66 24.55 -49.40
N PRO B 312 7.25 23.33 -48.99
CA PRO B 312 6.63 22.36 -49.90
C PRO B 312 5.17 22.56 -50.36
N LEU B 313 4.52 23.69 -50.06
CA LEU B 313 3.16 23.99 -50.61
C LEU B 313 3.21 25.23 -51.51
N VAL B 314 2.12 25.44 -52.25
CA VAL B 314 1.84 26.68 -53.03
C VAL B 314 0.85 27.51 -52.21
N CYS B 315 1.09 28.83 -52.09
CA CYS B 315 0.28 29.77 -51.26
C CYS B 315 -0.27 30.88 -52.13
N PRO B 316 -1.30 30.63 -52.97
CA PRO B 316 -1.84 31.65 -53.85
C PRO B 316 -2.76 32.62 -53.08
N SER B 317 -3.53 33.44 -53.80
CA SER B 317 -4.55 34.37 -53.25
C SER B 317 -3.90 35.40 -52.31
N SER B 318 -2.64 35.78 -52.58
CA SER B 318 -1.86 36.76 -51.77
C SER B 318 -1.79 36.30 -50.31
N SER B 319 -0.98 35.29 -50.03
CA SER B 319 -0.90 34.61 -48.70
C SER B 319 0.55 34.24 -48.40
N THR B 320 1.05 34.59 -47.22
CA THR B 320 2.44 34.29 -46.78
C THR B 320 2.50 32.84 -46.28
N ASN B 321 3.59 32.15 -46.61
CA ASN B 321 3.81 30.74 -46.24
C ASN B 321 4.23 30.68 -44.77
N GLN B 322 3.65 29.76 -44.00
CA GLN B 322 3.89 29.61 -42.54
C GLN B 322 3.89 28.14 -42.16
N TYR B 323 4.34 27.86 -40.94
CA TYR B 323 4.32 26.53 -40.30
C TYR B 323 3.52 26.62 -38.99
N ARG B 324 2.94 25.50 -38.56
CA ARG B 324 2.16 25.41 -37.30
C ARG B 324 3.11 25.35 -36.11
N ASN B 325 2.68 25.91 -34.98
CA ASN B 325 3.58 26.38 -33.90
C ASN B 325 4.05 25.23 -32.99
N PHE B 326 3.52 24.01 -33.12
CA PHE B 326 3.97 22.87 -32.26
C PHE B 326 4.35 21.65 -33.11
N THR B 327 3.60 21.41 -34.18
CA THR B 327 3.76 20.21 -35.03
C THR B 327 4.79 20.50 -36.12
N TYR B 328 4.96 21.79 -36.47
CA TYR B 328 5.71 22.28 -37.65
C TYR B 328 5.10 21.63 -38.89
N GLU B 329 3.82 21.90 -39.11
CA GLU B 329 3.08 21.42 -40.30
C GLU B 329 2.82 22.61 -41.21
N PRO B 330 3.18 22.51 -42.51
CA PRO B 330 3.07 23.63 -43.42
C PRO B 330 1.62 24.06 -43.64
N PHE B 331 1.41 25.37 -43.72
CA PHE B 331 0.12 26.01 -44.08
C PHE B 331 0.43 27.43 -44.55
N CYS B 332 -0.56 28.12 -45.13
CA CYS B 332 -0.39 29.48 -45.67
C CYS B 332 -1.32 30.44 -44.92
N LEU B 333 -0.74 31.37 -44.17
CA LEU B 333 -1.47 32.50 -43.53
C LEU B 333 -1.86 33.49 -44.63
N CYS B 334 -3.17 33.61 -44.88
CA CYS B 334 -3.74 34.46 -45.95
C CYS B 334 -3.75 35.92 -45.51
N ASN B 335 -4.01 36.83 -46.45
CA ASN B 335 -4.15 38.28 -46.17
C ASN B 335 -5.37 38.50 -45.29
N ASN B 336 -6.49 37.85 -45.62
CA ASN B 336 -7.82 38.05 -44.95
C ASN B 336 -7.85 37.30 -43.61
N GLY B 337 -6.96 36.33 -43.42
CA GLY B 337 -6.80 35.62 -42.14
C GLY B 337 -7.47 34.26 -42.12
N LYS B 338 -7.70 33.65 -43.28
CA LYS B 338 -8.19 32.24 -43.38
C LYS B 338 -6.99 31.30 -43.43
N GLU B 339 -7.15 30.11 -42.85
CA GLU B 339 -6.09 29.07 -42.83
C GLU B 339 -6.11 28.31 -44.16
N ILE B 340 -4.98 28.30 -44.87
CA ILE B 340 -4.75 27.43 -46.06
C ILE B 340 -4.00 26.19 -45.60
N TYR B 341 -4.35 25.71 -44.40
CA TYR B 341 -4.13 24.35 -43.88
C TYR B 341 -4.46 23.34 -45.00
N ASP B 342 -5.59 23.58 -45.67
CA ASP B 342 -6.32 22.58 -46.48
C ASP B 342 -5.58 22.33 -47.80
N VAL B 343 -6.09 21.32 -48.52
CA VAL B 343 -5.63 20.80 -49.83
C VAL B 343 -6.12 21.73 -50.94
N TYR B 344 -5.66 21.47 -52.17
CA TYR B 344 -5.93 22.32 -53.37
C TYR B 344 -7.34 22.90 -53.31
N ASN B 345 -8.28 22.15 -52.72
CA ASN B 345 -9.71 22.53 -52.57
C ASN B 345 -9.84 23.63 -51.52
N ASP B 346 -9.71 24.90 -51.92
CA ASP B 346 -9.81 26.08 -51.00
C ASP B 346 -9.54 27.37 -51.79
N THR B 347 -9.97 28.51 -51.26
CA THR B 347 -9.62 29.87 -51.75
C THR B 347 -9.46 30.82 -50.55
N CYS B 348 -9.42 32.13 -50.83
CA CYS B 348 -9.42 33.21 -49.81
C CYS B 348 -10.45 34.28 -50.21
N GLU B 349 -11.69 33.85 -50.46
CA GLU B 349 -12.83 34.74 -50.84
C GLU B 349 -12.42 35.63 -52.02
C1 NAG C . -17.41 -26.39 -3.82
C2 NAG C . -17.40 -25.11 -4.60
C3 NAG C . -18.04 -25.41 -5.93
C4 NAG C . -17.21 -26.42 -6.70
C5 NAG C . -17.34 -27.64 -5.82
C6 NAG C . -16.80 -28.96 -6.28
C7 NAG C . -17.53 -23.15 -3.16
C8 NAG C . -18.39 -22.09 -2.57
N2 NAG C . -18.14 -24.14 -3.83
O3 NAG C . -18.37 -24.20 -6.62
O4 NAG C . -17.79 -26.63 -7.97
O5 NAG C . -16.69 -27.33 -4.62
O6 NAG C . -15.72 -28.74 -7.18
O7 NAG C . -16.32 -23.08 -3.07
C1 NAG C . -17.24 -26.77 -9.18
C2 NAG C . -17.91 -27.41 -10.41
C3 NAG C . -17.17 -27.18 -11.71
C4 NAG C . -16.74 -25.71 -11.81
C5 NAG C . -15.84 -25.43 -10.61
C6 NAG C . -15.16 -24.06 -10.62
C7 NAG C . -19.14 -29.39 -9.71
C8 NAG C . -19.06 -30.88 -9.51
N2 NAG C . -18.05 -28.85 -10.26
O3 NAG C . -18.09 -27.61 -12.72
O4 NAG C . -16.08 -25.43 -13.07
O5 NAG C . -16.64 -25.49 -9.45
O6 NAG C . -14.27 -23.98 -9.50
O7 NAG C . -20.11 -28.70 -9.37
C1 MAN C . -16.45 -25.81 -14.30
C2 MAN C . -15.01 -26.13 -14.66
C3 MAN C . -14.49 -25.05 -15.60
C4 MAN C . -15.31 -25.00 -16.88
C5 MAN C . -16.83 -25.02 -16.63
C6 MAN C . -17.49 -26.24 -17.26
O2 MAN C . -14.95 -27.45 -15.23
O3 MAN C . -13.10 -25.26 -15.91
O4 MAN C . -14.94 -23.82 -17.60
O5 MAN C . -17.16 -24.96 -15.22
O6 MAN C . -17.24 -26.27 -18.68
C1 MAN C . -12.21 -24.41 -15.36
C2 MAN C . -12.11 -24.18 -13.85
C3 MAN C . -10.75 -23.56 -13.51
C4 MAN C . -10.48 -22.34 -14.41
C5 MAN C . -10.70 -22.58 -15.92
C6 MAN C . -9.53 -23.31 -16.59
O2 MAN C . -12.28 -25.38 -13.07
O3 MAN C . -9.71 -24.54 -13.65
O4 MAN C . -11.32 -21.26 -13.98
O5 MAN C . -11.91 -23.29 -16.21
O6 MAN C . -8.33 -22.53 -16.52
C1 FUC C . -17.93 -23.35 -7.54
C2 FUC C . -18.61 -22.92 -8.84
C3 FUC C . -18.91 -21.45 -8.72
C4 FUC C . -17.58 -20.74 -8.49
C5 FUC C . -17.01 -21.16 -7.13
C6 FUC C . -15.50 -21.48 -7.11
O2 FUC C . -19.84 -23.60 -9.03
O3 FUC C . -19.58 -20.99 -9.90
O4 FUC C . -16.67 -20.96 -9.58
O5 FUC C . -17.76 -22.28 -6.62
C1 FUC C . -14.44 -28.74 -7.03
C2 FUC C . -13.88 -29.13 -5.68
C3 FUC C . -12.48 -29.61 -5.89
C4 FUC C . -11.71 -28.62 -6.73
C5 FUC C . -12.32 -28.62 -8.15
C6 FUC C . -12.30 -27.24 -8.83
O2 FUC C . -14.60 -30.23 -5.17
O3 FUC C . -11.98 -29.91 -4.62
O4 FUC C . -11.80 -27.31 -6.17
O5 FUC C . -13.65 -29.20 -8.11
C1 NAG D . 7.34 -11.88 5.80
C2 NAG D . 7.18 -13.18 5.01
C3 NAG D . 8.22 -13.14 3.87
C4 NAG D . 7.83 -11.98 2.93
C5 NAG D . 7.91 -10.68 3.74
C6 NAG D . 7.30 -9.48 3.02
C7 NAG D . 6.32 -15.16 6.17
C8 NAG D . 6.72 -16.40 6.95
N2 NAG D . 7.36 -14.35 5.85
O3 NAG D . 8.33 -14.39 3.17
O4 NAG D . 8.63 -11.95 1.71
O5 NAG D . 7.15 -10.76 4.93
O6 NAG D . 6.15 -8.95 3.72
O7 NAG D . 5.15 -14.93 5.84
C1 NAG D . 8.28 -12.16 0.41
C2 NAG D . 8.65 -11.13 -0.67
C3 NAG D . 8.31 -11.56 -2.09
C4 NAG D . 8.92 -12.94 -2.32
C5 NAG D . 8.20 -13.89 -1.37
C6 NAG D . 8.63 -15.33 -1.65
C7 NAG D . 8.68 -8.82 0.08
C8 NAG D . 7.89 -7.55 0.18
N2 NAG D . 8.00 -9.86 -0.41
O3 NAG D . 8.84 -10.60 -3.03
O4 NAG D . 8.83 -13.35 -3.69
O5 NAG D . 8.54 -13.52 -0.03
O6 NAG D . 8.19 -16.22 -0.63
O7 NAG D . 9.86 -8.88 0.40
C1 NAG E . 33.40 -9.92 17.88
C2 NAG E . 34.35 -11.06 18.24
C3 NAG E . 33.96 -11.69 19.59
C4 NAG E . 33.64 -10.61 20.62
C5 NAG E . 32.44 -9.76 20.15
C6 NAG E . 32.59 -8.28 20.53
C7 NAG E . 35.38 -12.82 16.79
C8 NAG E . 35.09 -13.86 15.74
N2 NAG E . 34.33 -12.11 17.21
O3 NAG E . 35.02 -12.54 20.09
O4 NAG E . 33.34 -11.18 21.90
O5 NAG E . 32.24 -9.94 18.74
O6 NAG E . 31.41 -7.80 21.21
O7 NAG E . 36.52 -12.68 17.20
C1 FUC E . 33.09 -10.55 23.08
C2 FUC E . 32.73 -11.38 24.32
C3 FUC E . 33.39 -10.81 25.57
C4 FUC E . 32.92 -9.38 25.82
C5 FUC E . 33.06 -8.50 24.57
C6 FUC E . 31.79 -7.74 24.18
O2 FUC E . 33.16 -12.75 24.11
O3 FUC E . 33.08 -11.62 26.71
O4 FUC E . 31.57 -9.41 26.31
O5 FUC E . 33.55 -9.22 23.42
C1 NAG F . 13.80 8.44 15.42
C2 NAG F . 13.01 9.06 16.58
C3 NAG F . 12.47 10.44 16.14
C4 NAG F . 13.62 11.35 15.78
C5 NAG F . 14.69 10.66 14.88
C6 NAG F . 16.02 11.43 14.97
C7 NAG F . 10.83 7.83 16.41
C8 NAG F . 9.92 6.90 17.17
N2 NAG F . 11.94 8.18 17.07
O3 NAG F . 11.69 11.04 17.18
O4 NAG F . 13.05 12.54 15.18
O5 NAG F . 14.96 9.27 15.19
O6 NAG F . 15.98 12.69 14.28
O7 NAG F . 10.53 8.20 15.29
C1 NAG F . 12.22 13.56 15.48
C2 NAG F . 12.47 14.92 14.81
C3 NAG F . 11.16 15.67 14.53
C4 NAG F . 10.18 15.60 15.69
C5 NAG F . 9.83 14.16 16.01
C6 NAG F . 8.49 13.76 15.37
C7 NAG F . 14.48 16.31 14.99
C8 NAG F . 15.34 17.15 15.89
N2 NAG F . 13.41 15.74 15.55
O3 NAG F . 10.53 15.10 13.38
O4 NAG F . 10.72 16.24 16.87
O5 NAG F . 10.82 13.22 15.56
O6 NAG F . 7.57 13.30 16.36
O7 NAG F . 14.75 16.19 13.81
C1 NAG G . -29.30 2.12 -9.25
C2 NAG G . -29.79 3.45 -9.79
C3 NAG G . -31.29 3.50 -9.75
C4 NAG G . -31.77 2.35 -10.65
C5 NAG G . -31.27 1.07 -9.98
C6 NAG G . -31.72 -0.21 -10.61
C7 NAG G . -28.20 5.20 -9.44
C8 NAG G . -27.74 6.34 -8.59
N2 NAG G . -29.26 4.52 -8.99
O3 NAG G . -31.78 4.82 -10.10
O4 NAG G . -33.19 2.29 -10.73
O5 NAG G . -29.86 1.06 -10.01
O6 NAG G . -31.23 -0.27 -11.95
O7 NAG G . -27.66 4.93 -10.49
C1 NAG G . -34.04 1.93 -11.70
C2 NAG G . -35.51 1.51 -11.62
C3 NAG G . -36.26 1.45 -12.93
C4 NAG G . -35.73 2.35 -14.06
C5 NAG G . -34.20 2.51 -14.00
C6 NAG G . -33.67 3.57 -14.97
C7 NAG G . -35.63 0.05 -9.66
C8 NAG G . -35.54 -1.37 -9.23
N2 NAG G . -35.57 0.20 -10.99
O3 NAG G . -37.58 1.86 -12.60
O4 NAG G . -36.17 1.79 -15.32
O5 NAG G . -33.79 2.92 -12.68
O6 NAG G . -33.65 4.84 -14.31
O7 NAG G . -35.70 0.98 -8.86
C1 MAN G . -37.24 2.16 -16.03
C2 MAN G . -36.82 3.22 -17.06
C3 MAN G . -37.94 4.07 -17.66
C4 MAN G . -39.29 3.77 -17.04
C5 MAN G . -39.19 3.61 -15.52
C6 MAN G . -40.55 3.33 -14.87
O2 MAN G . -36.12 2.57 -18.13
O3 MAN G . -38.02 3.93 -19.09
O4 MAN G . -40.14 4.87 -17.39
O5 MAN G . -38.33 2.52 -15.16
O6 MAN G . -40.58 3.96 -13.57
C1 FUC G . -32.41 5.28 -11.18
C2 FUC G . -33.67 6.14 -11.23
C3 FUC G . -33.32 7.58 -10.96
C4 FUC G . -32.17 8.00 -11.86
C5 FUC G . -30.96 7.06 -11.70
C6 FUC G . -29.82 7.43 -12.65
O2 FUC G . -34.61 5.72 -10.25
O3 FUC G . -34.46 8.37 -11.25
O4 FUC G . -32.66 8.02 -13.22
O5 FUC G . -31.27 5.69 -11.92
C1 FUC G . -31.24 -1.49 -12.46
C2 FUC G . -31.08 -1.47 -13.97
C3 FUC G . -29.72 -0.92 -14.31
C4 FUC G . -28.65 -1.65 -13.54
C5 FUC G . -28.93 -1.61 -12.04
C6 FUC G . -27.89 -2.43 -11.29
O2 FUC G . -32.10 -0.63 -14.54
O3 FUC G . -29.46 -1.15 -15.69
O4 FUC G . -28.59 -3.01 -13.99
O5 FUC G . -30.22 -2.16 -11.77
C1 NAG H . -8.09 11.76 -28.93
C2 NAG H . -8.69 10.35 -29.17
C3 NAG H . -9.16 10.27 -30.62
C4 NAG H . -10.19 11.38 -30.90
C5 NAG H . -9.57 12.74 -30.54
C6 NAG H . -10.57 13.89 -30.70
C7 NAG H . -7.90 8.32 -27.96
C8 NAG H . -6.76 7.32 -27.91
N2 NAG H . -7.75 9.28 -28.91
O3 NAG H . -9.75 8.98 -30.89
O4 NAG H . -10.57 11.32 -32.28
O5 NAG H . -9.11 12.71 -29.19
O6 NAG H . -10.01 15.14 -30.28
O7 NAG H . -8.86 8.22 -27.18
C1 NAG H . -11.83 11.09 -32.69
C2 NAG H . -12.80 12.02 -33.43
C3 NAG H . -13.97 11.30 -34.08
C4 NAG H . -13.55 10.01 -34.77
C5 NAG H . -12.90 9.12 -33.71
C6 NAG H . -12.53 7.73 -34.23
C7 NAG H . -13.45 14.34 -32.92
C8 NAG H . -13.99 15.29 -31.90
N2 NAG H . -13.32 13.06 -32.55
O3 NAG H . -14.58 12.21 -35.01
O4 NAG H . -14.67 9.39 -35.42
O5 NAG H . -11.70 9.76 -33.25
O6 NAG H . -11.25 7.77 -34.85
O7 NAG H . -13.13 14.73 -34.03
C1 MAN H . -16.01 9.43 -35.60
C2 MAN H . -16.50 9.36 -37.05
C3 MAN H . -17.90 9.97 -37.08
C4 MAN H . -18.64 9.72 -35.76
C5 MAN H . -17.91 10.37 -34.57
C6 MAN H . -18.00 9.58 -33.27
O2 MAN H . -16.50 8.01 -37.53
O3 MAN H . -18.64 9.44 -38.20
O4 MAN H . -19.98 10.24 -35.82
O5 MAN H . -16.52 10.52 -34.83
O6 MAN H . -18.91 10.24 -32.39
C1 NAG I . 4.34 31.05 -33.27
C2 NAG I . 3.99 32.10 -34.33
C3 NAG I . 3.83 33.51 -33.73
C4 NAG I . 3.40 33.58 -32.27
C5 NAG I . 3.99 32.51 -31.33
C6 NAG I . 2.95 31.76 -30.51
C7 NAG I . 5.56 31.14 -36.09
C8 NAG I . 6.50 31.52 -37.20
N2 NAG I . 4.99 32.17 -35.43
O3 NAG I . 2.82 34.20 -34.49
O4 NAG I . 3.84 34.88 -31.79
O5 NAG I . 4.79 31.55 -32.01
O6 NAG I . 1.74 31.55 -31.25
O7 NAG I . 5.37 29.96 -35.86
C1 NAG I . 3.43 36.12 -31.45
C2 NAG I . 3.16 36.67 -30.05
C3 NAG I . 2.71 38.12 -30.06
C4 NAG I . 3.63 38.97 -30.93
C5 NAG I . 3.78 38.38 -32.33
C6 NAG I . 4.80 39.18 -33.14
C7 NAG I . 2.10 35.73 -28.02
C8 NAG I . 1.06 34.77 -27.52
N2 NAG I . 2.20 35.81 -29.36
O3 NAG I . 2.73 38.66 -28.73
O4 NAG I . 3.11 40.30 -31.00
O5 NAG I . 4.23 37.03 -32.25
O6 NAG I . 4.94 38.60 -34.44
O7 NAG I . 2.79 36.38 -27.25
S SO4 J . -18.40 -18.85 28.04
O1 SO4 J . -17.68 -19.66 27.10
O2 SO4 J . -19.39 -19.67 28.68
O3 SO4 J . -17.51 -18.29 29.03
O4 SO4 J . -19.05 -17.76 27.35
S SO4 K . -12.32 -30.95 27.00
O1 SO4 K . -13.02 -30.71 25.77
O2 SO4 K . -13.05 -31.92 27.78
O3 SO4 K . -12.21 -29.73 27.73
O4 SO4 K . -11.00 -31.49 26.72
C1 NAG L . 14.04 9.95 -45.77
C2 NAG L . 12.96 9.87 -44.67
C3 NAG L . 11.80 9.00 -45.14
C4 NAG L . 11.48 9.30 -46.60
C5 NAG L . 12.65 8.82 -47.49
C6 NAG L . 12.70 9.55 -48.83
C7 NAG L . 13.48 10.06 -42.26
C8 NAG L . 14.11 9.38 -41.08
N2 NAG L . 13.53 9.38 -43.42
O3 NAG L . 10.66 9.23 -44.33
O4 NAG L . 10.24 8.68 -46.99
O5 NAG L . 13.90 8.94 -46.79
O6 NAG L . 13.07 8.66 -49.89
O7 NAG L . 12.97 11.15 -42.13
S SO4 M . -0.92 -4.11 -15.20
O1 SO4 M . -1.43 -4.78 -14.03
O2 SO4 M . -1.13 -4.94 -16.35
O3 SO4 M . 0.48 -3.87 -15.02
O4 SO4 M . -1.62 -2.87 -15.39
S SO4 N . -0.95 8.59 4.83
O1 SO4 N . -0.25 7.32 4.84
O2 SO4 N . -2.19 8.46 4.12
O3 SO4 N . -1.22 8.99 6.20
O4 SO4 N . -0.14 9.59 4.19
S SO4 O . 1.82 -9.78 -8.50
O1 SO4 O . 1.50 -10.83 -9.44
O2 SO4 O . 0.66 -8.94 -8.32
O3 SO4 O . 2.20 -10.37 -7.24
O4 SO4 O . 2.92 -9.00 -9.02
#